data_1OAU
#
_entry.id   1OAU
#
_cell.length_a   79.459
_cell.length_b   79.480
_cell.length_c   168.906
_cell.angle_alpha   90.00
_cell.angle_beta   90.00
_cell.angle_gamma   90.00
#
_symmetry.space_group_name_H-M   'P 21 21 21'
#
loop_
_entity.id
_entity.type
_entity.pdbx_description
1 polymer 'IMMUNOGLOBULIN E'
2 polymer 'IMMUNOGLOBULIN E'
3 non-polymer SERINE
4 non-polymer 2,4-DINITROPHENOL
5 non-polymer IMIDAZOLE
6 water water
#
loop_
_entity_poly.entity_id
_entity_poly.type
_entity_poly.pdbx_seq_one_letter_code
_entity_poly.pdbx_strand_id
1 'polypeptide(L)'
;EVQLQQSGAELVKPGASVKLSCKASGYTFTSYWMHWVKQRPGRGLEWIGRIDPNGGGTKYNEKFKSKATLTVDKPSSTAY
MQLSSLTSEDSAVYYCARMWYYGTYYFDYWGQGTTLTVSSAA
;
H,I,J,K
2 'polypeptide(L)'
;QAVVTQESALTTSPGETVTLTCRSSTGAVTTSNYANWVQEKPDHLFTGLIGGTNNRAPGVPARFSGSLIGNKAALTITGA
QTEDEAIYFCALWYSNHLVFGGGTKLTVLT
;
L,M,N,O
#
loop_
_chem_comp.id
_chem_comp.type
_chem_comp.name
_chem_comp.formula
DNF non-polymer 2,4-DINITROPHENOL 'C6 H4 N2 O5'
IMD non-polymer IMIDAZOLE 'C3 H5 N2 1'
#
# COMPACT_ATOMS: atom_id res chain seq x y z
N GLU A 1 39.27 -30.90 -6.98
CA GLU A 1 40.19 -29.79 -6.82
C GLU A 1 39.67 -28.78 -5.78
N VAL A 2 38.37 -28.78 -5.55
CA VAL A 2 37.78 -27.91 -4.53
C VAL A 2 38.12 -28.48 -3.17
N GLN A 3 38.65 -27.64 -2.29
CA GLN A 3 39.00 -28.08 -0.95
C GLN A 3 38.69 -27.00 0.09
N LEU A 4 38.13 -27.44 1.21
CA LEU A 4 37.83 -26.57 2.33
C LEU A 4 38.64 -27.10 3.51
N GLN A 5 39.76 -26.45 3.78
CA GLN A 5 40.67 -26.93 4.81
C GLN A 5 40.54 -26.16 6.12
N GLN A 6 40.03 -26.83 7.17
CA GLN A 6 39.85 -26.17 8.46
C GLN A 6 41.07 -26.32 9.37
N SER A 7 41.17 -25.41 10.33
CA SER A 7 42.28 -25.39 11.25
C SER A 7 42.32 -26.61 12.16
N GLY A 8 43.45 -26.80 12.82
CA GLY A 8 43.65 -27.96 13.71
C GLY A 8 42.82 -27.91 14.98
N ALA A 9 42.75 -29.04 15.67
CA ALA A 9 42.00 -29.15 16.91
C ALA A 9 42.33 -28.03 17.88
N GLU A 10 41.36 -27.67 18.72
CA GLU A 10 41.55 -26.60 19.68
C GLU A 10 41.14 -27.03 21.08
N LEU A 11 41.90 -26.58 22.05
CA LEU A 11 41.65 -26.87 23.45
C LEU A 11 41.73 -25.53 24.16
N VAL A 12 40.60 -25.08 24.71
CA VAL A 12 40.54 -23.75 25.31
C VAL A 12 39.82 -23.72 26.67
N LYS A 13 40.15 -22.72 27.47
CA LYS A 13 39.56 -22.58 28.80
C LYS A 13 38.17 -21.96 28.76
N PRO A 14 37.35 -22.30 29.74
CA PRO A 14 36.01 -21.73 29.83
C PRO A 14 36.14 -20.23 30.01
N GLY A 15 35.26 -19.48 29.34
CA GLY A 15 35.29 -18.02 29.42
C GLY A 15 36.13 -17.35 28.35
N ALA A 16 36.98 -18.12 27.68
CA ALA A 16 37.86 -17.58 26.65
C ALA A 16 37.16 -17.50 25.30
N SER A 17 37.92 -17.10 24.29
CA SER A 17 37.42 -17.02 22.92
C SER A 17 38.35 -17.86 22.04
N VAL A 18 37.89 -18.18 20.84
CA VAL A 18 38.70 -18.92 19.89
C VAL A 18 38.31 -18.61 18.47
N LYS A 19 39.30 -18.58 17.58
CA LYS A 19 39.04 -18.27 16.19
C LYS A 19 39.38 -19.46 15.30
N LEU A 20 38.37 -20.00 14.62
CA LEU A 20 38.56 -21.13 13.73
C LEU A 20 38.65 -20.65 12.29
N SER A 21 39.41 -21.34 11.44
CA SER A 21 39.58 -20.95 10.06
C SER A 21 39.14 -22.04 9.09
N CYS A 22 38.82 -21.58 7.88
CA CYS A 22 38.38 -22.46 6.81
C CYS A 22 38.96 -21.93 5.50
N LYS A 23 40.11 -22.47 5.11
CA LYS A 23 40.82 -22.03 3.91
C LYS A 23 40.27 -22.70 2.65
N ALA A 24 39.70 -21.90 1.76
CA ALA A 24 39.10 -22.42 0.54
C ALA A 24 40.06 -22.41 -0.65
N SER A 25 39.88 -23.38 -1.55
CA SER A 25 40.73 -23.47 -2.73
C SER A 25 40.10 -24.29 -3.84
N GLY A 26 40.45 -23.96 -5.09
CA GLY A 26 39.96 -24.68 -6.26
C GLY A 26 38.70 -24.06 -6.87
N TYR A 27 38.37 -22.84 -6.46
CA TYR A 27 37.18 -22.17 -7.00
C TYR A 27 37.20 -20.67 -6.69
N THR A 28 36.22 -19.96 -7.24
CA THR A 28 36.11 -18.52 -7.00
C THR A 28 35.48 -18.28 -5.62
N PHE A 29 36.33 -18.01 -4.65
CA PHE A 29 35.93 -17.77 -3.25
C PHE A 29 34.66 -16.92 -3.11
N THR A 30 34.63 -15.77 -3.77
CA THR A 30 33.51 -14.83 -3.67
C THR A 30 32.22 -15.26 -4.35
N SER A 31 32.26 -16.37 -5.08
CA SER A 31 31.08 -16.85 -5.80
C SER A 31 30.12 -17.73 -4.99
N TYR A 32 30.57 -18.18 -3.82
CA TYR A 32 29.76 -19.06 -2.97
C TYR A 32 29.68 -18.54 -1.55
N TRP A 33 28.53 -18.73 -0.93
CA TRP A 33 28.41 -18.41 0.50
C TRP A 33 29.22 -19.44 1.26
N MET A 34 29.46 -19.17 2.55
CA MET A 34 30.12 -20.14 3.40
C MET A 34 29.30 -20.28 4.69
N HIS A 35 28.79 -21.47 4.94
CA HIS A 35 28.01 -21.74 6.15
C HIS A 35 28.93 -22.31 7.23
N TRP A 36 28.50 -22.18 8.48
CA TRP A 36 29.20 -22.81 9.59
C TRP A 36 28.18 -23.65 10.36
N VAL A 37 28.56 -24.89 10.66
CA VAL A 37 27.67 -25.83 11.27
C VAL A 37 28.32 -26.51 12.47
N LYS A 38 27.52 -26.76 13.50
CA LYS A 38 28.01 -27.31 14.76
C LYS A 38 27.50 -28.75 14.96
N GLN A 39 28.42 -29.65 15.23
CA GLN A 39 28.06 -31.05 15.46
C GLN A 39 28.46 -31.53 16.86
N ARG A 40 27.48 -31.99 17.62
CA ARG A 40 27.69 -32.55 18.95
C ARG A 40 27.01 -33.91 19.00
N PRO A 41 27.65 -34.87 19.66
CA PRO A 41 27.09 -36.22 19.71
C PRO A 41 25.64 -36.20 20.20
N GLY A 42 24.78 -36.94 19.49
CA GLY A 42 23.37 -37.04 19.86
C GLY A 42 22.57 -35.78 19.52
N ARG A 43 23.25 -34.77 18.96
CA ARG A 43 22.59 -33.52 18.62
C ARG A 43 22.69 -33.17 17.13
N GLY A 44 22.89 -34.20 16.31
CA GLY A 44 22.95 -34.06 14.85
C GLY A 44 23.80 -32.88 14.39
N LEU A 45 23.17 -31.98 13.65
CA LEU A 45 23.84 -30.78 13.14
C LEU A 45 23.06 -29.57 13.60
N GLU A 46 23.77 -28.48 13.84
CA GLU A 46 23.14 -27.23 14.26
C GLU A 46 23.71 -26.07 13.46
N TRP A 47 22.85 -25.34 12.77
CA TRP A 47 23.28 -24.21 11.96
C TRP A 47 23.74 -23.05 12.83
N ILE A 48 24.90 -22.50 12.51
CA ILE A 48 25.41 -21.34 13.24
C ILE A 48 25.04 -20.08 12.44
N GLY A 49 25.34 -20.12 11.15
CA GLY A 49 25.04 -19.00 10.26
C GLY A 49 25.85 -19.13 8.98
N ARG A 50 25.75 -18.11 8.11
CA ARG A 50 26.50 -18.10 6.86
C ARG A 50 27.01 -16.71 6.53
N ILE A 51 28.07 -16.65 5.74
CA ILE A 51 28.65 -15.37 5.33
C ILE A 51 28.81 -15.32 3.82
N ASP A 52 28.53 -14.17 3.24
CA ASP A 52 28.72 -13.94 1.82
C ASP A 52 30.09 -13.28 1.70
N PRO A 53 31.07 -14.02 1.20
CA PRO A 53 32.43 -13.50 1.10
C PRO A 53 32.50 -12.24 0.25
N ASN A 54 31.43 -11.98 -0.50
CA ASN A 54 31.35 -10.76 -1.31
C ASN A 54 30.69 -9.69 -0.48
N GLY A 55 31.48 -8.98 0.31
CA GLY A 55 30.94 -7.94 1.18
C GLY A 55 30.94 -8.37 2.65
N GLY A 56 31.02 -9.68 2.88
CA GLY A 56 31.07 -10.22 4.24
C GLY A 56 29.73 -10.18 4.96
N GLY A 57 28.65 -10.11 4.20
CA GLY A 57 27.32 -10.08 4.78
C GLY A 57 27.02 -11.38 5.50
N THR A 58 26.48 -11.28 6.71
CA THR A 58 26.18 -12.47 7.50
C THR A 58 24.70 -12.62 7.82
N LYS A 59 24.30 -13.86 8.05
CA LYS A 59 22.96 -14.21 8.51
C LYS A 59 23.18 -15.29 9.57
N TYR A 60 22.71 -15.06 10.80
CA TYR A 60 22.93 -16.02 11.90
C TYR A 60 21.68 -16.71 12.42
N ASN A 61 21.92 -17.83 13.11
CA ASN A 61 20.91 -18.51 13.89
C ASN A 61 20.83 -17.64 15.14
N GLU A 62 19.64 -17.13 15.46
CA GLU A 62 19.52 -16.19 16.59
C GLU A 62 20.11 -16.73 17.88
N LYS A 63 20.19 -18.04 17.98
CA LYS A 63 20.78 -18.68 19.15
C LYS A 63 22.27 -18.42 19.24
N PHE A 64 22.90 -18.17 18.09
CA PHE A 64 24.34 -17.95 18.04
C PHE A 64 24.74 -16.49 17.78
N LYS A 65 23.74 -15.61 17.75
CA LYS A 65 23.97 -14.18 17.54
C LYS A 65 25.13 -13.66 18.39
N SER A 66 25.01 -13.84 19.70
CA SER A 66 25.98 -13.33 20.65
C SER A 66 27.16 -14.28 20.89
N LYS A 67 27.19 -15.40 20.19
CA LYS A 67 28.26 -16.39 20.37
C LYS A 67 29.29 -16.37 19.25
N ALA A 68 28.80 -16.36 18.01
CA ALA A 68 29.68 -16.44 16.85
C ALA A 68 29.83 -15.15 16.04
N THR A 69 31.02 -14.97 15.49
CA THR A 69 31.33 -13.86 14.60
C THR A 69 31.96 -14.41 13.33
N LEU A 70 31.29 -14.24 12.21
CA LEU A 70 31.82 -14.73 10.94
C LEU A 70 32.50 -13.62 10.16
N THR A 71 33.68 -13.91 9.62
CA THR A 71 34.40 -12.97 8.77
C THR A 71 35.08 -13.75 7.65
N VAL A 72 35.61 -13.02 6.69
CA VAL A 72 36.40 -13.62 5.62
C VAL A 72 37.56 -12.70 5.27
N ASP A 73 38.58 -13.26 4.65
CA ASP A 73 39.71 -12.51 4.15
C ASP A 73 39.85 -12.91 2.69
N LYS A 74 39.34 -12.06 1.80
CA LYS A 74 39.34 -12.34 0.37
C LYS A 74 40.69 -12.79 -0.21
N PRO A 75 41.75 -12.05 0.11
CA PRO A 75 43.08 -12.33 -0.42
C PRO A 75 43.59 -13.74 -0.11
N SER A 76 43.33 -14.23 1.09
CA SER A 76 43.79 -15.55 1.50
C SER A 76 42.70 -16.61 1.30
N SER A 77 41.58 -16.19 0.72
CA SER A 77 40.46 -17.10 0.47
C SER A 77 40.13 -17.89 1.73
N THR A 78 40.10 -17.20 2.87
CA THR A 78 39.85 -17.86 4.14
C THR A 78 38.64 -17.27 4.85
N ALA A 79 37.79 -18.16 5.36
CA ALA A 79 36.64 -17.75 6.14
C ALA A 79 36.93 -18.09 7.60
N TYR A 80 36.54 -17.20 8.50
CA TYR A 80 36.81 -17.40 9.91
C TYR A 80 35.54 -17.38 10.73
N MET A 81 35.58 -18.07 11.87
CA MET A 81 34.49 -18.01 12.82
C MET A 81 35.07 -17.90 14.21
N GLN A 82 34.73 -16.84 14.91
CA GLN A 82 35.16 -16.67 16.29
C GLN A 82 34.03 -17.04 17.24
N LEU A 83 34.37 -17.78 18.28
CA LEU A 83 33.39 -18.19 19.28
C LEU A 83 33.85 -17.60 20.61
N SER A 84 32.95 -16.87 21.27
CA SER A 84 33.29 -16.18 22.52
C SER A 84 32.59 -16.68 23.77
N SER A 85 33.09 -16.27 24.93
CA SER A 85 32.51 -16.64 26.22
C SER A 85 32.28 -18.14 26.26
N LEU A 86 33.31 -18.91 25.91
CA LEU A 86 33.21 -20.36 25.81
C LEU A 86 32.77 -21.10 27.08
N THR A 87 31.90 -22.09 26.88
CA THR A 87 31.44 -22.99 27.95
C THR A 87 31.49 -24.41 27.42
N SER A 88 31.26 -25.39 28.27
CA SER A 88 31.27 -26.78 27.84
C SER A 88 30.24 -27.03 26.73
N GLU A 89 29.24 -26.17 26.64
CA GLU A 89 28.21 -26.31 25.61
C GLU A 89 28.81 -26.05 24.22
N ASP A 90 29.93 -25.34 24.18
CA ASP A 90 30.59 -25.03 22.92
C ASP A 90 31.52 -26.13 22.43
N SER A 91 31.79 -27.11 23.28
CA SER A 91 32.62 -28.25 22.87
C SER A 91 31.89 -29.04 21.78
N ALA A 92 32.49 -29.08 20.58
CA ALA A 92 31.87 -29.77 19.46
C ALA A 92 32.82 -29.79 18.29
N VAL A 93 32.37 -30.38 17.18
CA VAL A 93 33.14 -30.34 15.95
C VAL A 93 32.44 -29.29 15.11
N TYR A 94 33.22 -28.39 14.52
CA TYR A 94 32.66 -27.31 13.70
C TYR A 94 33.08 -27.47 12.25
N TYR A 95 32.15 -27.25 11.34
CA TYR A 95 32.43 -27.37 9.91
C TYR A 95 32.12 -26.09 9.18
N CYS A 96 32.83 -25.90 8.06
CA CYS A 96 32.45 -24.87 7.12
C CYS A 96 31.96 -25.62 5.89
N ALA A 97 30.99 -25.06 5.20
CA ALA A 97 30.42 -25.70 4.03
C ALA A 97 29.97 -24.61 3.07
N ARG A 98 30.43 -24.69 1.83
CA ARG A 98 30.07 -23.69 0.83
C ARG A 98 28.69 -23.95 0.22
N MET A 99 28.06 -22.90 -0.29
CA MET A 99 26.76 -23.04 -0.89
C MET A 99 26.58 -22.14 -2.13
N TRP A 100 26.09 -22.76 -3.20
CA TRP A 100 25.77 -22.03 -4.42
C TRP A 100 24.39 -21.44 -4.24
N TYR A 101 24.19 -20.19 -4.63
CA TYR A 101 22.91 -19.52 -4.41
C TYR A 101 22.39 -18.74 -5.62
N TYR A 102 23.13 -18.79 -6.73
CA TYR A 102 22.77 -18.03 -7.93
C TYR A 102 21.79 -18.76 -8.85
N GLY A 103 20.49 -18.53 -8.62
CA GLY A 103 19.44 -19.15 -9.46
C GLY A 103 18.84 -20.35 -8.74
N THR A 104 19.63 -20.91 -7.82
CA THR A 104 19.19 -22.06 -7.03
C THR A 104 20.16 -22.21 -5.87
N TYR A 105 19.85 -23.10 -4.93
CA TYR A 105 20.70 -23.30 -3.77
C TYR A 105 21.12 -24.74 -3.60
N TYR A 106 22.32 -24.94 -3.02
CA TYR A 106 22.79 -26.28 -2.72
C TYR A 106 24.15 -26.28 -2.04
N PHE A 107 24.29 -27.16 -1.06
CA PHE A 107 25.57 -27.39 -0.43
C PHE A 107 26.28 -28.36 -1.35
N ASP A 108 27.60 -28.42 -1.23
CA ASP A 108 28.36 -29.46 -1.90
C ASP A 108 29.61 -29.89 -1.14
N TYR A 109 30.62 -29.04 -1.14
CA TYR A 109 31.84 -29.33 -0.41
C TYR A 109 31.79 -28.87 1.05
N TRP A 110 32.24 -29.74 1.95
CA TRP A 110 32.31 -29.44 3.37
C TRP A 110 33.74 -29.56 3.83
N GLY A 111 34.10 -28.79 4.85
CA GLY A 111 35.44 -28.90 5.42
C GLY A 111 35.51 -30.23 6.16
N GLN A 112 36.69 -30.57 6.66
CA GLN A 112 36.88 -31.84 7.36
C GLN A 112 36.43 -31.72 8.82
N GLY A 113 36.19 -30.49 9.26
CA GLY A 113 35.73 -30.22 10.62
C GLY A 113 36.90 -29.95 11.56
N THR A 114 36.65 -29.11 12.57
CA THR A 114 37.64 -28.81 13.58
C THR A 114 37.02 -29.12 14.94
N THR A 115 37.73 -29.90 15.75
CA THR A 115 37.22 -30.27 17.06
C THR A 115 37.61 -29.22 18.09
N LEU A 116 36.62 -28.77 18.86
CA LEU A 116 36.90 -27.80 19.92
C LEU A 116 36.50 -28.41 21.25
N THR A 117 37.42 -28.35 22.21
CA THR A 117 37.12 -28.86 23.54
C THR A 117 37.32 -27.75 24.56
N VAL A 118 36.25 -27.38 25.25
CA VAL A 118 36.33 -26.37 26.30
C VAL A 118 36.62 -27.07 27.61
N SER A 119 37.84 -26.90 28.09
CA SER A 119 38.36 -27.64 29.24
C SER A 119 39.00 -26.74 30.30
N SER A 120 38.66 -26.99 31.56
CA SER A 120 39.23 -26.20 32.66
C SER A 120 40.67 -26.63 32.95
N ALA A 121 41.54 -25.65 33.18
CA ALA A 121 42.93 -25.95 33.52
C ALA A 121 42.96 -26.47 34.95
N ALA A 122 43.14 -27.77 35.10
CA ALA A 122 43.15 -28.41 36.42
C ALA A 122 43.92 -27.59 37.46
N GLY B 8 -19.42 -22.92 22.60
CA GLY B 8 -20.26 -22.83 23.77
C GLY B 8 -19.64 -21.92 24.83
N ALA B 9 -20.47 -21.43 25.74
CA ALA B 9 -20.00 -20.54 26.80
C ALA B 9 -18.80 -21.13 27.54
N VAL B 18 -7.84 -21.28 28.20
CA VAL B 18 -8.97 -21.87 27.50
C VAL B 18 -8.90 -21.55 26.00
N LYS B 19 -9.31 -22.50 25.17
CA LYS B 19 -9.30 -22.31 23.73
C LYS B 19 -10.72 -22.26 23.16
N HIS B 35 -9.30 -10.95 13.06
CA HIS B 35 -9.04 -10.57 14.44
C HIS B 35 -9.76 -11.50 15.40
N ARG B 40 -17.42 -7.19 26.06
CA ARG B 40 -17.60 -6.90 27.47
C ARG B 40 -18.36 -5.59 27.68
N PRO B 41 -18.61 -5.25 28.94
CA PRO B 41 -19.34 -4.03 29.27
C PRO B 41 -18.36 -2.89 29.60
N ALA B 79 -10.06 -21.85 12.62
CA ALA B 79 -9.02 -21.22 13.42
C ALA B 79 -9.36 -21.23 14.90
N MET B 81 -7.19 -19.97 18.95
CA MET B 81 -6.35 -19.07 19.72
C MET B 81 -5.87 -19.73 21.00
N VAL B 93 -17.13 -11.50 26.74
CA VAL B 93 -17.40 -12.19 25.47
C VAL B 93 -16.26 -11.94 24.48
N TYR B 94 -16.16 -12.80 23.48
CA TYR B 94 -15.11 -12.67 22.46
C TYR B 94 -15.63 -13.07 21.09
N TYR B 95 -15.19 -12.34 20.06
CA TYR B 95 -15.62 -12.59 18.69
C TYR B 95 -14.45 -12.74 17.73
N CYS B 96 -14.73 -13.33 16.57
CA CYS B 96 -13.73 -13.53 15.52
C CYS B 96 -14.27 -12.96 14.22
N ALA B 97 -13.60 -11.94 13.69
CA ALA B 97 -14.07 -11.29 12.46
C ALA B 97 -13.05 -11.35 11.33
N ARG B 98 -13.49 -11.81 10.17
CA ARG B 98 -12.64 -11.91 9.00
C ARG B 98 -12.38 -10.53 8.41
N MET B 99 -11.22 -10.35 7.78
CA MET B 99 -10.85 -9.07 7.20
C MET B 99 -10.02 -9.26 5.93
N PHE B 107 -13.55 -5.83 7.09
CA PHE B 107 -14.49 -6.41 8.05
C PHE B 107 -15.84 -6.65 7.39
N GLY B 113 -19.23 -12.37 14.10
CA GLY B 113 -19.74 -13.53 14.83
C GLY B 113 -21.24 -13.68 14.64
N THR B 114 -17.85 -15.57 21.82
CA THR B 114 -18.26 -16.59 22.78
C THR B 114 -18.05 -16.10 24.21
N THR B 115 -18.86 -16.62 25.13
CA THR B 115 -18.77 -16.25 26.53
C THR B 115 -17.75 -17.11 27.28
N VAL B 118 -15.47 -17.17 34.07
CA VAL B 118 -14.33 -17.18 35.00
C VAL B 118 -14.80 -16.97 36.44
N SER B 119 -14.95 -18.06 37.17
N GLU C 1 -35.01 34.98 10.40
CA GLU C 1 -34.24 35.42 11.56
C GLU C 1 -32.73 35.32 11.31
N VAL C 2 -32.33 34.48 10.36
CA VAL C 2 -30.93 34.37 9.98
C VAL C 2 -30.55 35.61 9.18
N GLN C 3 -29.45 36.24 9.57
CA GLN C 3 -28.99 37.43 8.87
C GLN C 3 -27.47 37.46 8.79
N LEU C 4 -26.98 37.84 7.61
CA LEU C 4 -25.55 38.00 7.37
C LEU C 4 -25.36 39.46 6.97
N GLN C 5 -24.90 40.26 7.93
CA GLN C 5 -24.77 41.69 7.71
C GLN C 5 -23.34 42.12 7.44
N GLN C 6 -23.07 42.56 6.20
CA GLN C 6 -21.73 42.98 5.82
C GLN C 6 -21.48 44.46 6.05
N SER C 7 -20.20 44.81 6.17
CA SER C 7 -19.81 46.18 6.44
C SER C 7 -20.15 47.12 5.28
N GLY C 8 -20.08 48.43 5.56
CA GLY C 8 -20.43 49.45 4.57
C GLY C 8 -19.42 49.55 3.42
N ALA C 9 -19.81 50.26 2.37
CA ALA C 9 -18.96 50.46 1.20
C ALA C 9 -17.57 50.93 1.59
N GLU C 10 -16.58 50.58 0.77
CA GLU C 10 -15.20 50.95 1.03
C GLU C 10 -14.56 51.59 -0.19
N LEU C 11 -13.74 52.59 0.08
CA LEU C 11 -13.01 53.31 -0.95
C LEU C 11 -11.58 53.36 -0.47
N VAL C 12 -10.67 52.70 -1.19
CA VAL C 12 -9.29 52.60 -0.76
C VAL C 12 -8.28 52.84 -1.87
N LYS C 13 -7.08 53.24 -1.48
CA LYS C 13 -6.01 53.53 -2.44
C LYS C 13 -5.32 52.27 -2.94
N PRO C 14 -4.79 52.35 -4.15
CA PRO C 14 -4.05 51.21 -4.73
C PRO C 14 -2.84 50.94 -3.85
N GLY C 15 -2.54 49.67 -3.62
CA GLY C 15 -1.40 49.27 -2.80
C GLY C 15 -1.74 49.07 -1.33
N ALA C 16 -2.91 49.56 -0.91
CA ALA C 16 -3.33 49.44 0.48
C ALA C 16 -4.00 48.10 0.77
N SER C 17 -4.49 47.96 1.99
CA SER C 17 -5.22 46.76 2.41
C SER C 17 -6.57 47.19 2.95
N VAL C 18 -7.48 46.24 3.07
CA VAL C 18 -8.80 46.54 3.61
C VAL C 18 -9.40 45.31 4.27
N LYS C 19 -10.13 45.52 5.36
CA LYS C 19 -10.74 44.41 6.06
C LYS C 19 -12.26 44.53 6.03
N LEU C 20 -12.91 43.54 5.41
CA LEU C 20 -14.36 43.52 5.32
C LEU C 20 -14.93 42.59 6.37
N SER C 21 -16.13 42.89 6.88
CA SER C 21 -16.76 42.07 7.91
C SER C 21 -18.11 41.53 7.48
N CYS C 22 -18.48 40.45 8.15
CA CYS C 22 -19.73 39.75 7.89
C CYS C 22 -20.27 39.24 9.22
N LYS C 23 -21.15 40.05 9.83
CA LYS C 23 -21.72 39.74 11.14
C LYS C 23 -22.91 38.81 11.02
N ALA C 24 -22.78 37.60 11.58
CA ALA C 24 -23.84 36.60 11.50
C ALA C 24 -24.77 36.62 12.72
N SER C 25 -26.03 36.26 12.49
CA SER C 25 -27.01 36.24 13.56
C SER C 25 -28.21 35.37 13.25
N GLY C 26 -28.82 34.80 14.28
CA GLY C 26 -30.01 33.97 14.13
C GLY C 26 -29.72 32.49 13.99
N TYR C 27 -28.47 32.09 14.30
CA TYR C 27 -28.09 30.68 14.21
C TYR C 27 -26.79 30.41 14.94
N THR C 28 -26.42 29.12 15.02
CA THR C 28 -25.17 28.72 15.66
C THR C 28 -23.99 29.00 14.70
N PHE C 29 -23.32 30.13 14.92
CA PHE C 29 -22.19 30.56 14.12
C PHE C 29 -21.22 29.43 13.73
N THR C 30 -20.78 28.65 14.72
CA THR C 30 -19.80 27.59 14.50
C THR C 30 -20.33 26.35 13.76
N SER C 31 -21.62 26.31 13.50
CA SER C 31 -22.22 25.15 12.84
C SER C 31 -22.19 25.19 11.31
N TYR C 32 -21.86 26.34 10.74
CA TYR C 32 -21.83 26.50 9.29
C TYR C 32 -20.51 27.12 8.83
N TRP C 33 -20.04 26.69 7.67
CA TRP C 33 -18.87 27.32 7.08
C TRP C 33 -19.31 28.70 6.61
N MET C 34 -18.33 29.54 6.27
CA MET C 34 -18.62 30.85 5.69
C MET C 34 -17.76 31.04 4.44
N HIS C 35 -18.39 31.16 3.29
CA HIS C 35 -17.68 31.37 2.04
C HIS C 35 -17.58 32.87 1.74
N TRP C 36 -16.62 33.24 0.92
CA TRP C 36 -16.51 34.62 0.43
C TRP C 36 -16.45 34.56 -1.08
N VAL C 37 -17.26 35.41 -1.72
CA VAL C 37 -17.41 35.39 -3.15
C VAL C 37 -17.26 36.80 -3.74
N LYS C 38 -16.65 36.88 -4.90
CA LYS C 38 -16.35 38.16 -5.55
C LYS C 38 -17.20 38.35 -6.81
N GLN C 39 -17.87 39.48 -6.90
CA GLN C 39 -18.71 39.78 -8.05
C GLN C 39 -18.25 41.05 -8.79
N ARG C 40 -17.92 40.90 -10.07
CA ARG C 40 -17.53 42.00 -10.92
C ARG C 40 -18.39 41.96 -12.18
N PRO C 41 -18.80 43.11 -12.66
CA PRO C 41 -19.66 43.16 -13.83
C PRO C 41 -19.09 42.35 -14.99
N GLY C 42 -19.92 41.53 -15.61
CA GLY C 42 -19.50 40.72 -16.75
C GLY C 42 -18.62 39.53 -16.35
N ARG C 43 -18.35 39.39 -15.06
CA ARG C 43 -17.51 38.30 -14.58
C ARG C 43 -18.22 37.40 -13.55
N GLY C 44 -19.54 37.39 -13.63
CA GLY C 44 -20.39 36.55 -12.77
C GLY C 44 -19.96 36.54 -11.31
N LEU C 45 -19.65 35.35 -10.80
CA LEU C 45 -19.21 35.18 -9.43
C LEU C 45 -17.86 34.48 -9.44
N GLU C 46 -17.02 34.81 -8.47
CA GLU C 46 -15.71 34.20 -8.35
C GLU C 46 -15.44 33.81 -6.91
N TRP C 47 -15.19 32.52 -6.67
CA TRP C 47 -14.94 32.01 -5.33
C TRP C 47 -13.60 32.50 -4.80
N ILE C 48 -13.61 33.01 -3.58
CA ILE C 48 -12.38 33.46 -2.94
C ILE C 48 -11.87 32.32 -2.04
N GLY C 49 -12.78 31.81 -1.22
CA GLY C 49 -12.46 30.71 -0.31
C GLY C 49 -13.52 30.60 0.77
N ARG C 50 -13.31 29.69 1.74
CA ARG C 50 -14.22 29.52 2.85
C ARG C 50 -13.49 29.28 4.16
N ILE C 51 -14.14 29.59 5.27
CA ILE C 51 -13.56 29.38 6.58
C ILE C 51 -14.52 28.60 7.47
N ASP C 52 -13.98 27.70 8.26
CA ASP C 52 -14.74 26.94 9.23
C ASP C 52 -14.59 27.68 10.55
N PRO C 53 -15.65 28.36 10.99
CA PRO C 53 -15.57 29.15 12.21
C PRO C 53 -15.18 28.31 13.42
N ASN C 54 -15.27 26.98 13.26
CA ASN C 54 -14.86 26.08 14.33
C ASN C 54 -13.40 25.73 14.12
N GLY C 55 -12.52 26.56 14.65
CA GLY C 55 -11.08 26.34 14.48
C GLY C 55 -10.47 27.34 13.49
N GLY C 56 -11.32 27.95 12.66
CA GLY C 56 -10.86 28.94 11.70
C GLY C 56 -10.12 28.35 10.51
N GLY C 57 -10.35 27.08 10.23
CA GLY C 57 -9.71 26.41 9.12
C GLY C 57 -10.17 27.01 7.79
N THR C 58 -9.22 27.28 6.91
CA THR C 58 -9.56 27.90 5.62
C THR C 58 -9.18 27.02 4.43
N LYS C 59 -9.89 27.25 3.33
CA LYS C 59 -9.61 26.63 2.05
C LYS C 59 -9.79 27.76 1.02
N TYR C 60 -8.74 28.04 0.25
CA TYR C 60 -8.79 29.15 -0.73
C TYR C 60 -8.73 28.74 -2.19
N ASN C 61 -9.19 29.66 -3.03
CA ASN C 61 -9.01 29.58 -4.47
C ASN C 61 -7.55 29.99 -4.63
N GLU C 62 -6.74 29.12 -5.25
CA GLU C 62 -5.30 29.39 -5.35
C GLU C 62 -4.98 30.76 -5.94
N LYS C 63 -5.91 31.29 -6.70
CA LYS C 63 -5.76 32.62 -7.28
C LYS C 63 -5.78 33.69 -6.22
N PHE C 64 -6.44 33.42 -5.11
CA PHE C 64 -6.58 34.41 -4.02
C PHE C 64 -5.72 34.10 -2.80
N LYS C 65 -4.91 33.06 -2.89
CA LYS C 65 -4.01 32.66 -1.80
C LYS C 65 -3.29 33.86 -1.19
N SER C 66 -2.57 34.58 -2.03
CA SER C 66 -1.77 35.72 -1.58
C SER C 66 -2.54 37.03 -1.50
N LYS C 67 -3.84 37.00 -1.80
CA LYS C 67 -4.66 38.21 -1.79
C LYS C 67 -5.55 38.31 -0.56
N ALA C 68 -6.24 37.23 -0.25
CA ALA C 68 -7.20 37.23 0.85
C ALA C 68 -6.80 36.46 2.10
N THR C 69 -7.22 36.97 3.25
CA THR C 69 -7.01 36.34 4.53
C THR C 69 -8.35 36.24 5.25
N LEU C 70 -8.83 35.03 5.48
CA LEU C 70 -10.10 34.83 6.18
C LEU C 70 -9.89 34.54 7.65
N THR C 71 -10.68 35.20 8.50
CA THR C 71 -10.65 34.94 9.94
C THR C 71 -12.08 35.05 10.46
N VAL C 72 -12.24 34.65 11.72
CA VAL C 72 -13.51 34.80 12.40
C VAL C 72 -13.27 35.18 13.85
N ASP C 73 -14.28 35.75 14.48
CA ASP C 73 -14.24 36.07 15.89
C ASP C 73 -15.50 35.45 16.48
N LYS C 74 -15.33 34.28 17.10
CA LYS C 74 -16.47 33.53 17.66
C LYS C 74 -17.41 34.34 18.54
N PRO C 75 -16.86 35.08 19.49
CA PRO C 75 -17.66 35.86 20.43
C PRO C 75 -18.61 36.86 19.79
N SER C 76 -18.14 37.53 18.73
CA SER C 76 -18.97 38.52 18.04
C SER C 76 -19.68 37.92 16.83
N SER C 77 -19.54 36.62 16.65
CA SER C 77 -20.16 35.92 15.53
C SER C 77 -19.88 36.65 14.22
N THR C 78 -18.64 37.08 14.04
CA THR C 78 -18.28 37.84 12.86
C THR C 78 -17.16 37.17 12.07
N ALA C 79 -17.33 37.11 10.76
CA ALA C 79 -16.32 36.58 9.88
C ALA C 79 -15.69 37.75 9.13
N TYR C 80 -14.38 37.72 8.95
CA TYR C 80 -13.68 38.80 8.30
C TYR C 80 -12.91 38.33 7.09
N MET C 81 -12.70 39.23 6.15
CA MET C 81 -11.85 38.96 5.01
C MET C 81 -10.99 40.17 4.74
N GLN C 82 -9.68 39.99 4.80
CA GLN C 82 -8.76 41.08 4.49
C GLN C 82 -8.21 40.90 3.08
N LEU C 83 -8.17 41.99 2.33
CA LEU C 83 -7.66 41.98 0.98
C LEU C 83 -6.45 42.90 0.94
N SER C 84 -5.32 42.39 0.46
CA SER C 84 -4.07 43.17 0.47
C SER C 84 -3.51 43.53 -0.91
N SER C 85 -2.56 44.46 -0.92
CA SER C 85 -1.91 44.89 -2.16
C SER C 85 -2.96 45.21 -3.21
N LEU C 86 -3.93 46.01 -2.83
CA LEU C 86 -5.07 46.34 -3.69
C LEU C 86 -4.73 46.99 -5.04
N THR C 87 -5.43 46.52 -6.08
CA THR C 87 -5.35 47.09 -7.43
C THR C 87 -6.75 47.25 -7.96
N SER C 88 -6.89 47.90 -9.11
CA SER C 88 -8.22 48.08 -9.71
C SER C 88 -8.92 46.75 -9.95
N GLU C 89 -8.15 45.68 -10.03
CA GLU C 89 -8.72 44.35 -10.25
C GLU C 89 -9.52 43.90 -9.04
N ASP C 90 -9.23 44.49 -7.89
CA ASP C 90 -9.91 44.15 -6.66
C ASP C 90 -11.23 44.90 -6.45
N SER C 91 -11.47 45.92 -7.29
CA SER C 91 -12.74 46.65 -7.21
C SER C 91 -13.88 45.71 -7.59
N ALA C 92 -14.78 45.47 -6.65
CA ALA C 92 -15.90 44.57 -6.88
C ALA C 92 -16.84 44.61 -5.70
N VAL C 93 -17.91 43.81 -5.78
CA VAL C 93 -18.81 43.65 -4.65
C VAL C 93 -18.43 42.31 -4.06
N TYR C 94 -18.28 42.25 -2.74
CA TYR C 94 -17.90 41.02 -2.06
C TYR C 94 -19.02 40.53 -1.15
N TYR C 95 -19.26 39.23 -1.17
CA TYR C 95 -20.31 38.66 -0.33
C TYR C 95 -19.77 37.59 0.59
N CYS C 96 -20.46 37.40 1.70
CA CYS C 96 -20.23 36.26 2.54
C CYS C 96 -21.48 35.40 2.41
N ALA C 97 -21.32 34.08 2.46
CA ALA C 97 -22.44 33.18 2.31
C ALA C 97 -22.16 31.94 3.14
N ARG C 98 -23.09 31.58 4.00
CA ARG C 98 -22.92 30.41 4.87
C ARG C 98 -23.25 29.11 4.13
N MET C 99 -22.67 28.02 4.60
CA MET C 99 -22.90 26.72 4.01
C MET C 99 -23.00 25.59 5.03
N TRP C 100 -24.05 24.79 4.89
CA TRP C 100 -24.22 23.61 5.72
C TRP C 100 -23.40 22.49 5.09
N TYR C 101 -22.68 21.72 5.91
CA TYR C 101 -21.81 20.69 5.38
C TYR C 101 -21.90 19.35 6.10
N TYR C 102 -22.78 19.27 7.10
CA TYR C 102 -22.91 18.05 7.91
C TYR C 102 -23.86 17.00 7.32
N GLY C 103 -23.31 16.10 6.52
CA GLY C 103 -24.10 15.03 5.90
C GLY C 103 -24.43 15.38 4.46
N THR C 104 -24.45 16.67 4.16
CA THR C 104 -24.69 17.17 2.82
C THR C 104 -24.23 18.62 2.77
N TYR C 105 -24.24 19.21 1.58
CA TYR C 105 -23.81 20.60 1.43
C TYR C 105 -24.86 21.46 0.76
N TYR C 106 -24.86 22.75 1.12
CA TYR C 106 -25.76 23.70 0.49
C TYR C 106 -25.58 25.12 1.01
N PHE C 107 -25.64 26.07 0.09
CA PHE C 107 -25.64 27.48 0.45
C PHE C 107 -27.08 27.78 0.81
N ASP C 108 -27.30 28.84 1.55
CA ASP C 108 -28.65 29.35 1.75
C ASP C 108 -28.71 30.86 1.92
N TYR C 109 -28.27 31.36 3.06
CA TYR C 109 -28.25 32.78 3.30
C TYR C 109 -26.96 33.46 2.82
N TRP C 110 -27.13 34.59 2.14
CA TRP C 110 -26.01 35.38 1.65
C TRP C 110 -26.08 36.75 2.25
N GLY C 111 -24.91 37.39 2.43
CA GLY C 111 -24.88 38.75 2.93
C GLY C 111 -25.41 39.65 1.82
N GLN C 112 -25.57 40.93 2.13
CA GLN C 112 -26.11 41.89 1.16
C GLN C 112 -25.01 42.37 0.20
N GLY C 113 -23.76 42.05 0.55
CA GLY C 113 -22.61 42.42 -0.26
C GLY C 113 -22.02 43.77 0.17
N THR C 114 -20.71 43.90 0.00
CA THR C 114 -20.01 45.14 0.30
C THR C 114 -19.26 45.58 -0.95
N THR C 115 -19.47 46.81 -1.37
CA THR C 115 -18.80 47.32 -2.56
C THR C 115 -17.44 47.89 -2.22
N LEU C 116 -16.43 47.46 -2.96
CA LEU C 116 -15.08 47.98 -2.76
C LEU C 116 -14.61 48.66 -4.03
N THR C 117 -14.13 49.89 -3.90
CA THR C 117 -13.60 50.60 -5.04
C THR C 117 -12.15 51.00 -4.77
N VAL C 118 -11.24 50.49 -5.59
CA VAL C 118 -9.83 50.85 -5.47
C VAL C 118 -9.58 52.05 -6.36
N SER C 119 -9.36 53.19 -5.71
CA SER C 119 -9.29 54.48 -6.40
C SER C 119 -8.07 55.29 -5.98
N SER C 120 -7.38 55.86 -6.97
CA SER C 120 -6.20 56.68 -6.70
C SER C 120 -6.60 58.06 -6.18
N ALA C 121 -5.88 58.54 -5.18
CA ALA C 121 -6.14 59.87 -4.63
C ALA C 121 -5.62 60.90 -5.63
N ALA C 122 -6.54 61.52 -6.36
CA ALA C 122 -6.17 62.51 -7.38
C ALA C 122 -5.04 63.43 -6.93
N GLY D 8 0.44 5.98 -36.05
CA GLY D 8 1.40 5.99 -37.15
C GLY D 8 2.65 6.79 -36.77
N ALA D 9 3.74 6.53 -37.49
CA ALA D 9 5.00 7.22 -37.23
C ALA D 9 4.82 8.72 -37.19
N VAL D 18 3.31 17.40 -30.61
CA VAL D 18 2.60 16.33 -31.30
C VAL D 18 1.89 15.42 -30.31
N LYS D 19 0.72 14.93 -30.69
CA LYS D 19 -0.06 14.04 -29.83
C LYS D 19 -0.15 12.64 -30.42
N ARG D 40 14.20 4.48 -27.56
CA ARG D 40 15.34 5.06 -28.25
C ARG D 40 16.59 4.19 -28.08
N PRO D 41 17.68 4.62 -28.70
CA PRO D 41 18.95 3.89 -28.62
C PRO D 41 19.85 4.44 -27.53
N ALA D 79 -6.61 6.91 -24.32
CA ALA D 79 -5.80 7.96 -23.70
C ALA D 79 -4.81 8.56 -24.71
N MET D 81 -1.66 12.13 -24.68
CA MET D 81 -0.63 12.92 -24.02
C MET D 81 -0.42 14.23 -24.76
N VAL D 93 11.32 6.45 -30.20
CA VAL D 93 10.05 5.74 -30.11
C VAL D 93 9.42 5.95 -28.73
N TYR D 94 8.11 5.72 -28.64
CA TYR D 94 7.39 5.89 -27.38
C TYR D 94 6.31 4.82 -27.21
N TYR D 95 6.11 4.33 -26.00
CA TYR D 95 5.12 3.28 -25.75
C TYR D 95 4.19 3.57 -24.57
N CYS D 96 3.36 2.58 -24.22
CA CYS D 96 2.39 2.74 -23.14
C CYS D 96 1.84 1.39 -22.66
N ALA D 97 1.62 1.26 -21.36
CA ALA D 97 1.09 0.01 -20.78
C ALA D 97 0.25 0.23 -19.52
N ARG D 98 -0.35 -0.85 -19.01
CA ARG D 98 -1.19 -0.78 -17.82
C ARG D 98 -0.57 -1.53 -16.64
N MET D 99 -0.89 -1.08 -15.43
CA MET D 99 -0.38 -1.70 -14.21
N ASP D 108 1.97 -5.19 -17.85
CA ASP D 108 1.64 -6.39 -18.61
C ASP D 108 1.50 -6.09 -20.10
N TRP D 110 1.87 -4.26 -22.86
CA TRP D 110 2.57 -3.06 -23.31
C TRP D 110 2.09 -2.67 -24.71
N GLY D 111 3.00 -2.14 -25.51
CA GLY D 111 2.69 -1.73 -26.88
C GLY D 111 2.69 -2.93 -27.82
N THR D 114 5.25 4.37 -30.44
CA THR D 114 5.17 4.94 -31.77
C THR D 114 6.39 5.77 -32.11
N THR D 115 6.72 5.86 -33.40
CA THR D 115 7.87 6.62 -33.84
C THR D 115 7.53 8.09 -34.08
N VAL D 118 11.40 13.75 -36.15
CA VAL D 118 11.79 15.14 -35.91
C VAL D 118 12.94 15.54 -36.82
N SER D 119 13.65 17.86 -41.01
CA SER D 119 13.14 18.71 -42.07
C SER D 119 12.21 17.96 -43.01
N ALA E 2 10.62 -23.36 14.64
CA ALA E 2 10.35 -24.48 13.77
C ALA E 2 11.28 -25.65 14.06
N VAL E 3 10.73 -26.85 14.05
CA VAL E 3 11.50 -28.07 14.28
C VAL E 3 11.37 -29.00 13.07
N VAL E 4 12.50 -29.58 12.64
CA VAL E 4 12.52 -30.45 11.47
C VAL E 4 12.72 -31.91 11.84
N THR E 5 11.80 -32.78 11.39
CA THR E 5 11.85 -34.20 11.73
C THR E 5 12.11 -35.14 10.55
N GLN E 6 12.96 -36.14 10.78
CA GLN E 6 13.27 -37.18 9.79
C GLN E 6 13.09 -38.54 10.45
N GLU E 7 13.03 -39.60 9.65
CA GLU E 7 13.00 -40.96 10.20
C GLU E 7 14.32 -41.19 10.94
N SER E 8 14.25 -41.81 12.10
CA SER E 8 15.48 -42.09 12.85
C SER E 8 16.41 -43.00 12.07
N ALA E 9 15.85 -44.11 11.58
CA ALA E 9 16.63 -45.09 10.82
C ALA E 9 15.79 -45.91 9.85
N LEU E 10 16.33 -46.10 8.67
CA LEU E 10 15.66 -46.89 7.64
C LEU E 10 16.57 -47.99 7.14
N THR E 11 15.98 -49.11 6.72
CA THR E 11 16.73 -50.22 6.20
C THR E 11 16.30 -50.53 4.77
N THR E 12 17.28 -50.70 3.89
CA THR E 12 17.01 -51.06 2.50
C THR E 12 18.00 -52.12 2.04
N SER E 13 17.79 -52.64 0.85
CA SER E 13 18.69 -53.66 0.29
C SER E 13 19.33 -53.11 -0.97
N PRO E 14 20.49 -53.63 -1.33
CA PRO E 14 21.17 -53.17 -2.53
C PRO E 14 20.24 -53.23 -3.75
N GLY E 15 20.24 -52.16 -4.54
CA GLY E 15 19.43 -52.11 -5.76
C GLY E 15 17.97 -51.67 -5.58
N GLU E 16 17.50 -51.62 -4.33
CA GLU E 16 16.12 -51.22 -4.07
C GLU E 16 15.98 -49.70 -4.11
N THR E 17 14.75 -49.22 -4.10
CA THR E 17 14.49 -47.79 -4.06
C THR E 17 14.00 -47.46 -2.65
N VAL E 18 14.61 -46.45 -2.03
CA VAL E 18 14.22 -46.05 -0.69
C VAL E 18 13.98 -44.55 -0.60
N THR E 19 12.99 -44.15 0.16
CA THR E 19 12.65 -42.75 0.30
C THR E 19 12.77 -42.23 1.72
N LEU E 20 13.57 -41.17 1.89
CA LEU E 20 13.77 -40.54 3.18
C LEU E 20 12.94 -39.26 3.18
N THR E 21 12.35 -38.90 4.34
CA THR E 21 11.51 -37.70 4.35
C THR E 21 11.97 -36.68 5.40
N CYS E 22 11.50 -35.46 5.15
CA CYS E 22 11.81 -34.29 5.95
C CYS E 22 10.54 -33.49 6.26
N ARG E 23 10.28 -33.39 7.53
CA ARG E 23 9.07 -32.81 8.04
C ARG E 23 9.22 -31.46 8.70
N SER E 24 8.31 -30.53 8.42
CA SER E 24 8.40 -29.24 9.08
C SER E 24 7.27 -29.14 10.11
N SER E 25 7.61 -28.76 11.33
CA SER E 25 6.62 -28.67 12.40
C SER E 25 5.64 -27.51 12.22
N THR E 26 5.98 -26.55 11.36
CA THR E 26 5.12 -25.39 11.13
C THR E 26 3.95 -25.65 10.19
N GLY E 27 4.10 -26.66 9.35
CA GLY E 27 3.07 -27.00 8.39
C GLY E 27 3.70 -27.73 7.23
N ALA E 28 3.10 -27.63 6.05
CA ALA E 28 3.63 -28.31 4.88
C ALA E 28 4.93 -27.69 4.40
N VAL E 29 5.84 -28.54 3.94
CA VAL E 29 7.09 -28.06 3.37
C VAL E 29 6.79 -27.51 1.99
N THR E 30 7.28 -26.32 1.71
CA THR E 30 7.04 -25.68 0.42
C THR E 30 8.35 -25.43 -0.28
N THR E 31 8.27 -24.93 -1.51
CA THR E 31 9.49 -24.63 -2.25
C THR E 31 10.23 -23.48 -1.58
N SER E 32 9.51 -22.70 -0.77
CA SER E 32 10.12 -21.59 -0.06
C SER E 32 11.01 -22.06 1.11
N ASN E 33 10.95 -23.35 1.41
CA ASN E 33 11.80 -23.93 2.46
C ASN E 33 13.12 -24.42 1.88
N TYR E 34 13.23 -24.37 0.55
CA TYR E 34 14.46 -24.76 -0.17
C TYR E 34 15.17 -25.98 0.44
N ALA E 35 14.43 -27.05 0.63
CA ALA E 35 14.99 -28.26 1.27
C ALA E 35 16.37 -28.71 0.76
N ASN E 36 17.28 -28.98 1.69
CA ASN E 36 18.59 -29.48 1.38
C ASN E 36 18.74 -30.89 1.93
N TRP E 37 19.63 -31.65 1.32
CA TRP E 37 19.95 -33.00 1.76
C TRP E 37 21.47 -33.13 1.78
N VAL E 38 22.00 -33.54 2.92
CA VAL E 38 23.44 -33.68 3.09
C VAL E 38 23.75 -35.07 3.64
N GLN E 39 24.82 -35.67 3.13
CA GLN E 39 25.20 -37.04 3.50
C GLN E 39 26.43 -37.08 4.41
N GLU E 40 26.35 -37.85 5.49
CA GLU E 40 27.48 -38.00 6.40
C GLU E 40 27.99 -39.44 6.41
N LYS E 41 29.22 -39.63 5.97
CA LYS E 41 29.85 -40.94 5.95
C LYS E 41 30.86 -41.04 7.09
N PRO E 42 31.18 -42.26 7.51
CA PRO E 42 32.11 -42.47 8.62
C PRO E 42 33.36 -41.60 8.53
N ASP E 43 33.85 -41.19 9.69
CA ASP E 43 35.02 -40.34 9.78
C ASP E 43 34.66 -38.89 9.49
N HIS E 44 33.44 -38.51 9.83
CA HIS E 44 32.99 -37.12 9.68
C HIS E 44 33.15 -36.60 8.25
N LEU E 45 32.72 -37.39 7.28
CA LEU E 45 32.81 -37.00 5.86
C LEU E 45 31.44 -36.54 5.35
N PHE E 46 31.27 -35.23 5.25
CA PHE E 46 30.01 -34.66 4.78
C PHE E 46 30.06 -34.25 3.31
N THR E 47 28.95 -34.47 2.60
CA THR E 47 28.80 -34.07 1.21
C THR E 47 27.39 -33.59 0.95
N GLY E 48 27.27 -32.45 0.27
CA GLY E 48 25.96 -31.93 -0.09
C GLY E 48 25.42 -32.71 -1.28
N LEU E 49 24.14 -33.06 -1.25
CA LEU E 49 23.54 -33.83 -2.33
C LEU E 49 22.58 -33.00 -3.16
N ILE E 50 21.56 -32.45 -2.48
CA ILE E 50 20.49 -31.71 -3.15
C ILE E 50 20.12 -30.47 -2.36
N GLY E 51 19.78 -29.40 -3.10
CA GLY E 51 19.33 -28.15 -2.49
C GLY E 51 18.15 -27.62 -3.30
N GLY E 52 17.48 -26.60 -2.78
CA GLY E 52 16.32 -26.03 -3.47
C GLY E 52 15.30 -27.11 -3.83
N THR E 53 15.08 -28.04 -2.89
CA THR E 53 14.14 -29.12 -3.06
C THR E 53 14.60 -30.25 -3.99
N ASN E 54 14.89 -29.91 -5.24
CA ASN E 54 15.19 -30.93 -6.24
C ASN E 54 16.43 -30.69 -7.09
N ASN E 55 17.26 -29.73 -6.71
CA ASN E 55 18.47 -29.42 -7.46
C ASN E 55 19.68 -30.20 -6.95
N ARG E 56 20.15 -31.13 -7.76
CA ARG E 56 21.32 -31.90 -7.40
C ARG E 56 22.59 -31.07 -7.61
N ALA E 57 23.51 -31.14 -6.65
CA ALA E 57 24.78 -30.45 -6.79
C ALA E 57 25.55 -31.17 -7.89
N PRO E 58 26.41 -30.45 -8.60
CA PRO E 58 27.19 -31.06 -9.66
C PRO E 58 28.07 -32.18 -9.13
N GLY E 59 28.12 -33.29 -9.86
CA GLY E 59 28.96 -34.43 -9.47
C GLY E 59 28.23 -35.46 -8.60
N VAL E 60 27.07 -35.10 -8.08
CA VAL E 60 26.28 -36.03 -7.24
C VAL E 60 25.62 -37.07 -8.13
N PRO E 61 25.66 -38.34 -7.70
CA PRO E 61 25.06 -39.42 -8.49
C PRO E 61 23.59 -39.16 -8.80
N ALA E 62 23.20 -39.45 -10.03
CA ALA E 62 21.82 -39.21 -10.48
C ALA E 62 20.79 -40.03 -9.71
N ARG E 63 21.23 -41.12 -9.07
CA ARG E 63 20.32 -41.95 -8.32
C ARG E 63 19.67 -41.23 -7.12
N PHE E 64 20.28 -40.11 -6.72
CA PHE E 64 19.72 -39.28 -5.65
C PHE E 64 18.82 -38.20 -6.26
N SER E 65 17.57 -38.16 -5.86
CA SER E 65 16.64 -37.16 -6.35
C SER E 65 15.80 -36.59 -5.22
N GLY E 66 15.45 -35.32 -5.33
CA GLY E 66 14.66 -34.65 -4.29
C GLY E 66 13.33 -34.17 -4.85
N SER E 67 12.33 -34.15 -3.98
CA SER E 67 11.01 -33.71 -4.37
C SER E 67 10.19 -33.39 -3.14
N LEU E 68 8.97 -32.94 -3.37
CA LEU E 68 8.03 -32.73 -2.29
C LEU E 68 6.99 -33.82 -2.46
N ILE E 69 6.79 -34.62 -1.42
CA ILE E 69 5.81 -35.69 -1.47
C ILE E 69 4.81 -35.41 -0.36
N GLY E 70 3.60 -35.03 -0.74
CA GLY E 70 2.61 -34.67 0.24
C GLY E 70 3.07 -33.40 0.95
N ASN E 71 3.03 -33.44 2.27
CA ASN E 71 3.42 -32.29 3.11
C ASN E 71 4.91 -32.21 3.46
N LYS E 72 5.71 -33.13 2.94
CA LYS E 72 7.14 -33.17 3.29
C LYS E 72 8.07 -33.07 2.09
N ALA E 73 9.35 -32.86 2.38
CA ALA E 73 10.37 -32.88 1.34
C ALA E 73 10.90 -34.31 1.39
N ALA E 74 11.31 -34.85 0.24
CA ALA E 74 11.78 -36.21 0.20
C ALA E 74 13.05 -36.40 -0.60
N LEU E 75 13.87 -37.34 -0.14
CA LEU E 75 15.08 -37.71 -0.84
C LEU E 75 14.88 -39.15 -1.26
N THR E 76 14.92 -39.38 -2.57
CA THR E 76 14.73 -40.73 -3.08
C THR E 76 16.05 -41.28 -3.61
N ILE E 77 16.42 -42.46 -3.13
CA ILE E 77 17.62 -43.11 -3.60
C ILE E 77 17.16 -44.28 -4.45
N THR E 78 17.35 -44.14 -5.76
CA THR E 78 16.86 -45.14 -6.71
C THR E 78 17.96 -46.13 -7.09
N GLY E 79 17.90 -47.32 -6.48
CA GLY E 79 18.92 -48.35 -6.67
C GLY E 79 20.05 -48.16 -5.67
N ALA E 80 19.71 -48.31 -4.39
CA ALA E 80 20.69 -48.11 -3.31
C ALA E 80 21.95 -48.94 -3.47
N GLN E 81 23.10 -48.29 -3.24
CA GLN E 81 24.39 -48.96 -3.34
C GLN E 81 24.93 -49.20 -1.93
N THR E 82 25.81 -50.17 -1.79
CA THR E 82 26.38 -50.47 -0.48
C THR E 82 27.00 -49.21 0.13
N GLU E 83 27.66 -48.41 -0.69
CA GLU E 83 28.32 -47.19 -0.20
C GLU E 83 27.35 -46.09 0.23
N ASP E 84 26.07 -46.28 -0.05
CA ASP E 84 25.04 -45.29 0.31
C ASP E 84 24.69 -45.37 1.79
N GLU E 85 25.14 -46.43 2.46
CA GLU E 85 24.89 -46.57 3.89
C GLU E 85 25.57 -45.42 4.58
N ALA E 86 24.77 -44.59 5.22
CA ALA E 86 25.29 -43.37 5.85
C ALA E 86 24.17 -42.67 6.59
N ILE E 87 24.49 -41.51 7.14
CA ILE E 87 23.49 -40.72 7.83
C ILE E 87 23.11 -39.56 6.92
N TYR E 88 21.80 -39.39 6.71
CA TYR E 88 21.33 -38.32 5.82
C TYR E 88 20.60 -37.24 6.60
N PHE E 89 21.05 -36.00 6.43
CA PHE E 89 20.45 -34.86 7.10
C PHE E 89 19.73 -33.99 6.09
N CYS E 90 18.55 -33.50 6.47
CA CYS E 90 17.83 -32.52 5.67
C CYS E 90 17.86 -31.23 6.45
N ALA E 91 17.71 -30.11 5.75
CA ALA E 91 17.72 -28.80 6.39
C ALA E 91 16.77 -27.92 5.61
N LEU E 92 15.89 -27.23 6.33
CA LEU E 92 14.88 -26.38 5.69
C LEU E 92 15.14 -24.91 6.02
N TRP E 93 14.87 -24.05 5.07
CA TRP E 93 15.06 -22.61 5.25
C TRP E 93 13.74 -21.98 5.71
N TYR E 94 13.83 -21.16 6.74
CA TYR E 94 12.65 -20.49 7.26
C TYR E 94 12.80 -18.98 7.23
N SER E 95 12.87 -18.39 6.03
CA SER E 95 12.81 -16.93 5.79
C SER E 95 13.90 -16.04 6.37
N ASN E 96 14.90 -16.65 7.08
CA ASN E 96 16.15 -15.97 7.54
C ASN E 96 17.16 -16.95 8.10
N HIS E 97 16.67 -18.17 8.51
CA HIS E 97 17.54 -19.11 9.21
C HIS E 97 17.36 -20.55 8.73
N LEU E 98 18.38 -21.34 8.81
CA LEU E 98 18.33 -22.73 8.37
C LEU E 98 18.25 -23.67 9.58
N VAL E 99 17.38 -24.68 9.46
CA VAL E 99 17.19 -25.67 10.54
C VAL E 99 17.41 -27.09 10.03
N PHE E 100 18.30 -27.83 10.67
CA PHE E 100 18.58 -29.22 10.29
C PHE E 100 17.62 -30.19 10.94
N GLY E 101 17.32 -31.28 10.25
CA GLY E 101 16.54 -32.37 10.81
C GLY E 101 17.50 -33.18 11.68
N GLY E 102 16.99 -34.17 12.39
CA GLY E 102 17.82 -34.97 13.29
C GLY E 102 18.73 -35.98 12.59
N GLY E 103 18.52 -36.16 11.29
CA GLY E 103 19.30 -37.11 10.50
C GLY E 103 18.68 -38.51 10.46
N THR E 104 18.88 -39.19 9.35
CA THR E 104 18.36 -40.56 9.19
C THR E 104 19.51 -41.52 8.96
N LYS E 105 19.62 -42.55 9.79
CA LYS E 105 20.65 -43.55 9.55
C LYS E 105 20.14 -44.57 8.54
N LEU E 106 20.75 -44.59 7.38
CA LEU E 106 20.35 -45.55 6.36
C LEU E 106 21.26 -46.77 6.38
N THR E 107 20.66 -47.94 6.57
CA THR E 107 21.42 -49.18 6.54
C THR E 107 21.11 -49.87 5.22
N VAL E 108 22.15 -50.32 4.53
CA VAL E 108 21.98 -51.07 3.29
C VAL E 108 22.45 -52.50 3.52
N LEU E 109 21.50 -53.42 3.56
CA LEU E 109 21.81 -54.82 3.83
C LEU E 109 22.79 -55.42 2.81
N GLN F 6 -16.44 8.35 19.86
CA GLN F 6 -17.74 8.18 19.21
C GLN F 6 -18.85 8.70 20.09
N GLU F 7 -19.88 9.27 19.47
CA GLU F 7 -21.05 9.74 20.21
C GLU F 7 -21.67 8.51 20.86
N SER F 8 -22.14 8.66 22.10
CA SER F 8 -22.73 7.53 22.80
C SER F 8 -24.09 7.16 22.22
N ALA F 9 -24.95 8.15 22.01
CA ALA F 9 -26.27 7.91 21.46
C ALA F 9 -26.73 9.00 20.50
N LEU F 10 -27.48 8.59 19.47
CA LEU F 10 -28.05 9.51 18.49
C LEU F 10 -29.40 8.97 18.03
N THR F 11 -30.34 9.87 17.80
CA THR F 11 -31.68 9.48 17.34
C THR F 11 -32.00 10.15 16.00
N THR F 12 -32.49 9.36 15.06
CA THR F 12 -32.93 9.91 13.76
C THR F 12 -34.31 9.38 13.42
N SER F 13 -34.75 9.63 12.21
CA SER F 13 -36.07 9.19 11.75
C SER F 13 -35.97 8.64 10.34
N PRO F 14 -36.90 7.76 9.96
CA PRO F 14 -36.87 7.14 8.65
C PRO F 14 -36.76 8.18 7.52
N GLY F 15 -35.81 7.96 6.62
CA GLY F 15 -35.61 8.83 5.47
C GLY F 15 -34.72 10.04 5.75
N GLU F 16 -34.47 10.33 7.01
CA GLU F 16 -33.63 11.45 7.37
C GLU F 16 -32.16 11.13 7.15
N THR F 17 -31.31 12.14 7.34
CA THR F 17 -29.88 11.95 7.22
C THR F 17 -29.29 12.19 8.60
N VAL F 18 -28.37 11.33 9.00
CA VAL F 18 -27.74 11.44 10.29
C VAL F 18 -26.28 11.09 10.13
N THR F 19 -25.44 11.75 10.89
CA THR F 19 -24.01 11.52 10.78
C THR F 19 -23.35 11.14 12.10
N LEU F 20 -22.60 10.06 12.07
CA LEU F 20 -21.85 9.60 13.23
C LEU F 20 -20.39 9.95 13.01
N THR F 21 -19.69 10.32 14.07
CA THR F 21 -18.29 10.70 13.94
C THR F 21 -17.35 9.79 14.73
N CYS F 22 -16.06 9.77 14.32
CA CYS F 22 -15.02 8.89 14.92
C CYS F 22 -13.70 9.65 15.14
N ARG F 23 -13.48 10.15 16.34
CA ARG F 23 -12.33 11.01 16.60
C ARG F 23 -11.04 10.31 17.05
N SER F 24 -9.89 11.02 16.90
CA SER F 24 -8.68 10.33 17.55
C SER F 24 -8.09 11.45 18.43
N SER F 25 -7.47 10.98 19.41
CA SER F 25 -6.86 11.54 20.67
C SER F 25 -5.50 11.88 20.48
N THR F 26 -5.16 11.28 19.36
CA THR F 26 -3.85 11.65 18.79
C THR F 26 -3.78 12.96 17.94
N GLY F 27 -4.84 13.22 17.21
CA GLY F 27 -4.92 14.38 16.33
C GLY F 27 -5.99 14.12 15.28
N ALA F 28 -5.82 14.68 14.10
CA ALA F 28 -6.81 14.55 13.01
C ALA F 28 -6.76 13.15 12.40
N VAL F 29 -7.92 12.59 12.09
CA VAL F 29 -8.01 11.30 11.44
C VAL F 29 -7.59 11.46 10.01
N THR F 30 -6.68 10.61 9.57
CA THR F 30 -6.17 10.70 8.21
C THR F 30 -6.49 9.42 7.46
N THR F 31 -6.21 9.39 6.16
CA THR F 31 -6.45 8.20 5.38
C THR F 31 -5.55 7.04 5.86
N SER F 32 -4.49 7.40 6.57
CA SER F 32 -3.54 6.39 7.10
C SER F 32 -4.16 5.62 8.28
N ASN F 33 -5.34 6.10 8.72
CA ASN F 33 -6.02 5.51 9.89
C ASN F 33 -7.00 4.44 9.38
N TYR F 34 -7.20 4.43 8.05
CA TYR F 34 -8.08 3.46 7.40
C TYR F 34 -9.35 3.19 8.19
N ALA F 35 -10.09 4.25 8.52
CA ALA F 35 -11.33 4.11 9.32
C ALA F 35 -12.29 3.00 8.86
N ASN F 36 -12.77 2.21 9.81
CA ASN F 36 -13.71 1.15 9.54
C ASN F 36 -14.99 1.48 10.31
N TRP F 37 -16.10 0.97 9.81
CA TRP F 37 -17.38 1.11 10.45
C TRP F 37 -18.06 -0.24 10.49
N VAL F 38 -18.39 -0.70 11.69
CA VAL F 38 -19.02 -2.01 11.89
C VAL F 38 -20.32 -1.89 12.76
N GLN F 39 -21.30 -2.46 12.21
CA GLN F 39 -22.69 -2.41 12.83
C GLN F 39 -23.20 -3.66 13.63
N GLU F 40 -23.63 -3.39 14.87
CA GLU F 40 -24.11 -4.48 15.72
C GLU F 40 -25.63 -4.41 15.91
N LYS F 41 -26.33 -5.42 15.41
CA LYS F 41 -27.78 -5.52 15.58
C LYS F 41 -28.07 -6.46 16.75
N PRO F 42 -29.23 -6.27 17.39
CA PRO F 42 -29.60 -7.09 18.54
C PRO F 42 -29.30 -8.58 18.34
N ASP F 43 -29.18 -9.30 19.45
CA ASP F 43 -28.83 -10.72 19.44
C ASP F 43 -27.33 -10.88 19.16
N HIS F 44 -26.59 -9.81 19.41
CA HIS F 44 -25.14 -9.80 19.23
C HIS F 44 -24.71 -10.16 17.81
N LEU F 45 -25.33 -9.51 16.83
CA LEU F 45 -25.01 -9.77 15.43
C LEU F 45 -24.22 -8.61 14.81
N PHE F 46 -22.90 -8.76 14.75
CA PHE F 46 -22.03 -7.74 14.18
C PHE F 46 -21.92 -7.89 12.66
N THR F 47 -21.56 -6.80 11.98
CA THR F 47 -21.44 -6.81 10.53
C THR F 47 -20.52 -5.70 10.02
N GLY F 48 -19.81 -5.99 8.93
CA GLY F 48 -18.91 -5.02 8.33
C GLY F 48 -19.67 -4.13 7.36
N LEU F 49 -19.46 -2.82 7.46
CA LEU F 49 -20.14 -1.89 6.59
C LEU F 49 -19.20 -1.13 5.64
N ILE F 50 -18.39 -0.24 6.21
CA ILE F 50 -17.44 0.54 5.44
C ILE F 50 -16.01 0.30 5.94
N GLY F 51 -10.86 1.31 5.19
CA GLY F 51 -10.21 2.16 4.19
C GLY F 51 -10.86 3.54 4.12
N ASN F 54 -13.65 5.17 3.15
CA ASN F 54 -14.83 5.30 2.30
C ASN F 54 -15.17 4.11 1.42
N ASN F 55 -14.53 2.98 1.65
CA ASN F 55 -14.78 1.79 0.85
C ASN F 55 -15.86 0.90 1.46
N ARG F 56 -16.99 0.84 0.79
CA ARG F 56 -18.08 -0.02 1.24
C ARG F 56 -17.79 -1.47 0.90
N ALA F 57 -18.68 -1.96 1.30
CA ALA F 57 -18.46 -3.31 0.84
C ALA F 57 -19.67 -3.83 0.11
N PRO F 58 -19.44 -4.86 -0.68
CA PRO F 58 -20.54 -5.47 -1.37
C PRO F 58 -21.46 -6.09 -0.34
N GLY F 59 -22.76 -5.97 -0.64
CA GLY F 59 -23.79 -6.39 0.28
C GLY F 59 -24.20 -5.11 1.00
N VAL F 60 -23.20 -4.38 1.49
CA VAL F 60 -23.43 -3.13 2.21
C VAL F 60 -24.15 -2.11 1.34
N PRO F 61 -25.44 -1.89 1.64
CA PRO F 61 -26.28 -0.95 0.90
C PRO F 61 -25.57 0.39 0.69
N ALA F 62 -25.85 1.01 -0.47
CA ALA F 62 -25.20 2.26 -0.85
C ALA F 62 -25.65 3.50 -0.08
N ARG F 63 -26.54 3.34 0.89
CA ARG F 63 -27.00 4.48 1.67
C ARG F 63 -26.03 4.80 2.82
N PHE F 64 -25.02 3.94 2.97
CA PHE F 64 -24.00 4.13 4.00
C PHE F 64 -22.74 4.73 3.39
N SER F 65 -22.32 5.89 3.90
CA SER F 65 -21.13 6.55 3.38
C SER F 65 -20.12 6.89 4.49
N GLY F 66 -18.85 6.64 4.20
CA GLY F 66 -17.78 6.96 5.14
C GLY F 66 -16.90 8.03 4.49
N SER F 67 -16.82 9.20 5.13
CA SER F 67 -16.05 10.30 4.56
C SER F 67 -15.23 11.08 5.58
N LEU F 68 -14.51 12.08 5.09
CA LEU F 68 -13.69 12.93 5.94
C LEU F 68 -14.41 14.24 6.24
N ILE F 69 -14.81 14.42 7.49
CA ILE F 69 -15.49 15.63 7.92
C ILE F 69 -14.61 16.39 8.90
N GLY F 70 -13.98 17.45 8.42
CA GLY F 70 -13.07 18.22 9.25
C GLY F 70 -11.91 17.33 9.67
N ASN F 71 -11.75 17.14 10.98
CA ASN F 71 -10.67 16.31 11.50
C ASN F 71 -11.22 15.08 12.23
N LYS F 72 -12.15 14.39 11.59
CA LYS F 72 -12.77 13.20 12.19
C LYS F 72 -13.32 12.27 11.10
N ALA F 73 -13.25 10.97 11.36
CA ALA F 73 -13.84 10.00 10.43
C ALA F 73 -15.34 10.09 10.66
N ALA F 74 -16.12 9.88 9.61
CA ALA F 74 -17.56 10.01 9.73
C ALA F 74 -18.36 8.97 8.99
N LEU F 75 -19.48 8.58 9.59
CA LEU F 75 -20.41 7.67 8.98
C LEU F 75 -21.73 8.40 8.84
N THR F 76 -22.15 8.62 7.61
CA THR F 76 -23.40 9.30 7.35
C THR F 76 -24.37 8.37 6.66
N ILE F 77 -25.59 8.32 7.19
CA ILE F 77 -26.63 7.50 6.61
C ILE F 77 -27.61 8.40 5.90
N THR F 78 -27.57 8.38 4.58
CA THR F 78 -28.43 9.21 3.76
C THR F 78 -29.73 8.48 3.49
N GLY F 79 -30.78 8.86 4.21
CA GLY F 79 -32.08 8.23 4.09
C GLY F 79 -32.13 7.02 5.03
N ALA F 80 -32.03 7.28 6.32
CA ALA F 80 -32.02 6.23 7.34
C ALA F 80 -33.25 5.31 7.25
N GLN F 81 -33.02 4.02 7.48
CA GLN F 81 -34.10 3.04 7.47
C GLN F 81 -34.34 2.52 8.88
N THR F 82 -35.54 1.99 9.10
CA THR F 82 -35.89 1.43 10.40
C THR F 82 -34.84 0.41 10.79
N GLU F 83 -34.55 -0.49 9.86
CA GLU F 83 -33.61 -1.57 10.09
C GLU F 83 -32.20 -1.08 10.35
N ASP F 84 -31.99 0.24 10.23
CA ASP F 84 -30.67 0.80 10.46
C ASP F 84 -30.42 1.06 11.94
N GLU F 85 -31.45 0.93 12.75
CA GLU F 85 -31.28 1.11 14.18
C GLU F 85 -30.27 0.05 14.64
N ALA F 86 -29.18 0.50 15.24
CA ALA F 86 -28.15 -0.41 15.70
C ALA F 86 -27.04 0.37 16.39
N ILE F 87 -26.02 -0.33 16.82
CA ILE F 87 -24.86 0.31 17.43
C ILE F 87 -23.78 0.30 16.36
N TYR F 88 -23.19 1.47 16.12
CA TYR F 88 -22.17 1.58 15.09
C TYR F 88 -20.78 1.79 15.66
N PHE F 89 -19.88 0.87 15.35
CA PHE F 89 -18.50 0.92 15.80
C PHE F 89 -17.61 1.28 14.63
N CYS F 90 -16.70 2.22 14.84
CA CYS F 90 -15.76 2.60 13.79
C CYS F 90 -14.39 1.95 14.00
N GLY F 103 -18.50 2.79 20.07
CA GLY F 103 -19.74 2.52 19.32
C GLY F 103 -20.82 3.54 19.65
N THR F 104 -21.70 3.80 18.68
CA THR F 104 -22.79 4.74 18.86
C THR F 104 -24.15 4.05 18.74
N LYS F 105 -24.98 4.21 19.76
CA LYS F 105 -26.31 3.62 19.73
C LYS F 105 -27.26 4.50 18.92
N LEU F 106 -27.49 4.09 17.68
CA LEU F 106 -28.36 4.86 16.80
C LEU F 106 -29.79 4.36 16.88
N THR F 107 -30.67 5.24 17.32
CA THR F 107 -32.09 4.92 17.38
C THR F 107 -32.76 5.53 16.16
N VAL F 108 -33.55 4.73 15.46
CA VAL F 108 -34.33 5.22 14.32
C VAL F 108 -35.80 5.15 14.73
N LEU F 109 -36.30 6.29 15.23
CA LEU F 109 -37.66 6.41 15.77
C LEU F 109 -38.75 6.51 14.70
N ALA G 2 -10.21 23.82 -14.20
CA ALA G 2 -11.56 23.46 -14.60
C ALA G 2 -12.42 24.69 -14.83
N VAL G 3 -13.22 24.65 -15.89
CA VAL G 3 -14.13 25.75 -16.22
C VAL G 3 -15.57 25.23 -16.24
N VAL G 4 -16.48 26.01 -15.64
CA VAL G 4 -17.89 25.60 -15.57
C VAL G 4 -18.78 26.43 -16.48
N THR G 5 -19.54 25.76 -17.34
CA THR G 5 -20.39 26.43 -18.31
C THR G 5 -21.91 26.23 -18.10
N GLN G 6 -22.67 27.31 -18.28
CA GLN G 6 -24.13 27.29 -18.18
C GLN G 6 -24.69 27.97 -19.42
N GLU G 7 -25.99 27.79 -19.68
CA GLU G 7 -26.65 28.51 -20.77
C GLU G 7 -26.59 30.00 -20.44
N SER G 8 -26.31 30.83 -21.44
CA SER G 8 -26.25 32.28 -21.19
C SER G 8 -27.61 32.79 -20.75
N ALA G 9 -28.65 32.43 -21.51
CA ALA G 9 -30.00 32.89 -21.20
C ALA G 9 -31.08 31.94 -21.73
N LEU G 10 -32.09 31.71 -20.90
CA LEU G 10 -33.21 30.85 -21.28
C LEU G 10 -34.52 31.59 -21.09
N THR G 11 -35.50 31.26 -21.92
CA THR G 11 -36.82 31.86 -21.83
C THR G 11 -37.88 30.79 -21.56
N THR G 12 -38.75 31.07 -20.60
CA THR G 12 -39.85 30.16 -20.29
C THR G 12 -41.12 30.97 -20.05
N SER G 13 -42.23 30.28 -19.90
CA SER G 13 -43.51 30.94 -19.64
C SER G 13 -44.03 30.51 -18.27
N PRO G 14 -44.86 31.33 -17.67
CA PRO G 14 -45.41 31.00 -16.35
C PRO G 14 -46.06 29.61 -16.37
N GLY G 15 -45.76 28.80 -15.35
CA GLY G 15 -46.35 27.47 -15.23
C GLY G 15 -45.63 26.35 -15.99
N GLU G 16 -44.71 26.71 -16.88
CA GLU G 16 -43.99 25.70 -17.65
C GLU G 16 -42.86 25.10 -16.84
N THR G 17 -42.26 24.03 -17.35
CA THR G 17 -41.12 23.42 -16.68
C THR G 17 -39.88 23.77 -17.51
N VAL G 18 -38.85 24.27 -16.84
CA VAL G 18 -37.61 24.65 -17.53
C VAL G 18 -36.40 24.04 -16.83
N THR G 19 -35.43 23.63 -17.63
CA THR G 19 -34.23 23.01 -17.10
C THR G 19 -32.96 23.78 -17.42
N LEU G 20 -32.21 24.14 -16.37
CA LEU G 20 -30.94 24.86 -16.52
C LEU G 20 -29.84 23.82 -16.31
N THR G 21 -28.73 23.95 -17.05
CA THR G 21 -27.66 22.95 -16.87
C THR G 21 -26.32 23.59 -16.51
N CYS G 22 -25.48 22.71 -15.98
CA CYS G 22 -24.15 23.04 -15.49
C CYS G 22 -23.13 22.01 -15.97
N ARG G 23 -22.17 22.50 -16.74
CA ARG G 23 -21.19 21.72 -17.42
C ARG G 23 -19.79 21.84 -16.86
N SER G 24 -19.10 20.71 -16.76
CA SER G 24 -17.74 20.74 -16.28
C SER G 24 -16.81 20.48 -17.46
N SER G 25 -15.80 21.32 -17.62
CA SER G 25 -14.86 21.18 -18.74
C SER G 25 -13.93 19.97 -18.60
N THR G 26 -13.82 19.43 -17.39
CA THR G 26 -12.94 18.30 -17.13
C THR G 26 -13.52 16.96 -17.56
N GLY G 27 -14.84 16.88 -17.64
CA GLY G 27 -15.52 15.65 -18.02
C GLY G 27 -16.93 15.68 -17.46
N ALA G 28 -17.48 14.51 -17.18
CA ALA G 28 -18.84 14.43 -16.67
C ALA G 28 -18.92 14.93 -15.24
N VAL G 29 -20.02 15.61 -14.92
CA VAL G 29 -20.27 16.06 -13.56
C VAL G 29 -20.67 14.86 -12.75
N THR G 30 -20.05 14.69 -11.58
CA THR G 30 -20.34 13.55 -10.73
C THR G 30 -20.86 14.04 -9.39
N THR G 31 -21.26 13.11 -8.52
CA THR G 31 -21.72 13.49 -7.20
C THR G 31 -20.58 14.08 -6.39
N SER G 32 -19.35 13.77 -6.80
CA SER G 32 -18.16 14.30 -6.12
C SER G 32 -17.95 15.79 -6.41
N ASN G 33 -18.71 16.33 -7.36
CA ASN G 33 -18.63 17.75 -7.69
C ASN G 33 -19.61 18.57 -6.84
N TYR G 34 -20.45 17.85 -6.07
CA TYR G 34 -21.42 18.46 -5.17
C TYR G 34 -22.07 19.73 -5.73
N ALA G 35 -22.62 19.63 -6.93
CA ALA G 35 -23.21 20.80 -7.60
C ALA G 35 -24.14 21.67 -6.72
N ASN G 36 -23.92 22.99 -6.77
CA ASN G 36 -24.74 23.95 -6.07
C ASN G 36 -25.46 24.82 -7.08
N TRP G 37 -26.59 25.36 -6.65
CA TRP G 37 -27.36 26.29 -7.46
C TRP G 37 -27.74 27.47 -6.59
N VAL G 38 -27.42 28.67 -7.05
CA VAL G 38 -27.68 29.89 -6.30
C VAL G 38 -28.43 30.87 -7.19
N GLN G 39 -29.40 31.57 -6.61
CA GLN G 39 -30.26 32.49 -7.36
C GLN G 39 -29.94 33.95 -7.05
N GLU G 40 -29.81 34.77 -8.10
CA GLU G 40 -29.56 36.20 -7.92
C GLU G 40 -30.71 37.03 -8.45
N LYS G 41 -31.38 37.74 -7.55
CA LYS G 41 -32.48 38.63 -7.91
C LYS G 41 -32.01 40.07 -7.89
N PRO G 42 -32.72 40.95 -8.61
CA PRO G 42 -32.34 42.36 -8.70
C PRO G 42 -31.98 42.97 -7.36
N ASP G 43 -31.03 43.89 -7.38
CA ASP G 43 -30.55 44.55 -6.17
C ASP G 43 -29.58 43.65 -5.41
N HIS G 44 -28.85 42.82 -6.14
CA HIS G 44 -27.83 41.97 -5.53
C HIS G 44 -28.38 41.09 -4.41
N LEU G 45 -29.52 40.43 -4.67
CA LEU G 45 -30.15 39.56 -3.67
C LEU G 45 -29.87 38.09 -4.01
N PHE G 46 -28.92 37.48 -3.31
CA PHE G 46 -28.56 36.10 -3.54
C PHE G 46 -29.20 35.14 -2.54
N THR G 47 -29.60 33.97 -3.02
CA THR G 47 -30.17 32.93 -2.18
C THR G 47 -29.71 31.56 -2.66
N GLY G 48 -29.28 30.72 -1.73
CA GLY G 48 -28.87 29.36 -2.08
C GLY G 48 -30.12 28.50 -2.28
N LEU G 49 -30.12 27.68 -3.32
CA LEU G 49 -31.26 26.84 -3.61
C LEU G 49 -30.99 25.37 -3.32
N ILE G 50 -29.97 24.83 -3.98
CA ILE G 50 -29.64 23.42 -3.90
C ILE G 50 -28.14 23.20 -3.80
N GLY G 51 -27.74 22.20 -3.02
CA GLY G 51 -26.35 21.82 -2.88
C GLY G 51 -26.24 20.30 -2.91
N GLY G 52 -25.02 19.78 -2.99
CA GLY G 52 -24.82 18.34 -3.06
C GLY G 52 -25.67 17.70 -4.16
N THR G 53 -25.72 18.37 -5.31
CA THR G 53 -26.47 17.89 -6.47
C THR G 53 -27.99 18.06 -6.37
N ASN G 54 -28.59 17.44 -5.36
CA ASN G 54 -30.04 17.39 -5.27
C ASN G 54 -30.63 17.76 -3.91
N ASN G 55 -29.82 18.29 -3.01
CA ASN G 55 -30.31 18.66 -1.69
C ASN G 55 -30.78 20.10 -1.63
N ARG G 56 -32.08 20.28 -1.48
CA ARG G 56 -32.65 21.61 -1.35
C ARG G 56 -32.40 22.17 0.05
N ALA G 57 -32.01 23.44 0.11
CA ALA G 57 -31.82 24.10 1.40
C ALA G 57 -33.19 24.26 2.01
N PRO G 58 -33.28 24.25 3.33
CA PRO G 58 -34.55 24.42 4.00
C PRO G 58 -35.22 25.74 3.65
N GLY G 59 -36.52 25.69 3.40
CA GLY G 59 -37.27 26.91 3.07
C GLY G 59 -37.36 27.19 1.56
N VAL G 60 -36.54 26.51 0.77
CA VAL G 60 -36.56 26.70 -0.69
C VAL G 60 -37.78 26.00 -1.29
N PRO G 61 -38.46 26.69 -2.21
CA PRO G 61 -39.66 26.11 -2.83
C PRO G 61 -39.39 24.76 -3.46
N ALA G 62 -40.32 23.82 -3.27
CA ALA G 62 -40.17 22.47 -3.78
C ALA G 62 -40.09 22.39 -5.31
N ARG G 63 -40.58 23.44 -5.98
CA ARG G 63 -40.55 23.46 -7.42
C ARG G 63 -39.13 23.46 -8.01
N PHE G 64 -38.16 23.79 -7.17
CA PHE G 64 -36.74 23.74 -7.57
C PHE G 64 -36.17 22.37 -7.20
N SER G 65 -35.65 21.66 -8.19
CA SER G 65 -35.04 20.37 -7.94
C SER G 65 -33.73 20.22 -8.71
N GLY G 66 -32.79 19.49 -8.13
CA GLY G 66 -31.48 19.30 -8.76
C GLY G 66 -31.23 17.83 -9.05
N SER G 67 -30.48 17.58 -10.11
CA SER G 67 -30.15 16.22 -10.50
C SER G 67 -28.97 16.23 -11.45
N LEU G 68 -28.56 15.04 -11.85
CA LEU G 68 -27.53 14.90 -12.87
C LEU G 68 -28.27 14.38 -14.07
N ILE G 69 -28.16 15.08 -15.20
CA ILE G 69 -28.80 14.65 -16.43
C ILE G 69 -27.71 14.47 -17.45
N GLY G 70 -27.44 13.22 -17.80
CA GLY G 70 -26.36 12.93 -18.72
C GLY G 70 -25.05 13.30 -18.03
N ASN G 71 -24.22 14.07 -18.74
CA ASN G 71 -22.89 14.47 -18.24
C ASN G 71 -22.90 15.78 -17.42
N LYS G 72 -24.06 16.36 -17.19
CA LYS G 72 -24.13 17.64 -16.49
C LYS G 72 -25.00 17.60 -15.23
N ALA G 73 -24.89 18.66 -14.44
CA ALA G 73 -25.77 18.84 -13.28
C ALA G 73 -26.90 19.70 -13.80
N ALA G 74 -28.11 19.51 -13.28
CA ALA G 74 -29.24 20.26 -13.76
C ALA G 74 -30.12 20.82 -12.67
N LEU G 75 -30.69 21.99 -12.92
CA LEU G 75 -31.64 22.60 -12.02
C LEU G 75 -32.95 22.64 -12.78
N THR G 76 -33.96 21.98 -12.23
CA THR G 76 -35.27 21.96 -12.88
C THR G 76 -36.25 22.80 -12.11
N ILE G 77 -36.90 23.73 -12.80
CA ILE G 77 -37.91 24.57 -12.18
C ILE G 77 -39.24 24.09 -12.73
N THR G 78 -40.01 23.42 -11.88
CA THR G 78 -41.28 22.81 -12.29
C THR G 78 -42.46 23.72 -11.99
N GLY G 79 -42.94 24.40 -13.03
CA GLY G 79 -44.03 25.38 -12.89
C GLY G 79 -43.46 26.75 -12.55
N ALA G 80 -42.70 27.29 -13.51
CA ALA G 80 -42.03 28.60 -13.30
C ALA G 80 -42.99 29.70 -12.90
N GLN G 81 -42.58 30.49 -11.92
CA GLN G 81 -43.38 31.61 -11.43
C GLN G 81 -42.76 32.91 -11.93
N THR G 82 -43.56 33.96 -12.01
CA THR G 82 -43.06 35.24 -12.48
C THR G 82 -41.84 35.68 -11.66
N GLU G 83 -41.89 35.44 -10.35
CA GLU G 83 -40.79 35.84 -9.46
C GLU G 83 -39.52 35.01 -9.64
N ASP G 84 -39.60 33.95 -10.44
CA ASP G 84 -38.44 33.09 -10.69
C ASP G 84 -37.49 33.72 -11.70
N GLU G 85 -37.94 34.78 -12.37
CA GLU G 85 -37.09 35.47 -13.34
C GLU G 85 -35.90 36.02 -12.58
N ALA G 86 -34.73 35.53 -12.91
CA ALA G 86 -33.51 35.92 -12.18
C ALA G 86 -32.30 35.30 -12.86
N ILE G 87 -31.15 35.48 -12.25
CA ILE G 87 -29.94 34.89 -12.77
C ILE G 87 -29.58 33.71 -11.88
N TYR G 88 -29.34 32.57 -12.50
CA TYR G 88 -29.02 31.34 -11.74
C TYR G 88 -27.58 30.92 -11.95
N PHE G 89 -26.84 30.78 -10.86
CA PHE G 89 -25.45 30.37 -10.91
C PHE G 89 -25.31 28.95 -10.35
N CYS G 90 -24.48 28.14 -11.00
CA CYS G 90 -24.12 26.84 -10.48
C CYS G 90 -22.66 26.91 -10.10
N ALA G 91 -22.25 26.04 -9.19
CA ALA G 91 -20.86 26.01 -8.74
C ALA G 91 -20.53 24.57 -8.44
N LEU G 92 -19.39 24.11 -8.96
CA LEU G 92 -18.97 22.73 -8.77
C LEU G 92 -17.72 22.66 -7.91
N TRP G 93 -17.61 21.61 -7.10
CA TRP G 93 -16.47 21.42 -6.23
C TRP G 93 -15.46 20.51 -6.93
N TYR G 94 -14.21 20.91 -6.91
CA TYR G 94 -13.15 20.12 -7.54
C TYR G 94 -12.07 19.75 -6.54
N SER G 95 -12.42 18.91 -5.54
CA SER G 95 -11.46 18.27 -4.61
C SER G 95 -10.63 19.15 -3.68
N ASN G 96 -10.82 20.51 -3.76
CA ASN G 96 -10.24 21.49 -2.80
C ASN G 96 -10.81 22.89 -3.01
N HIS G 97 -11.36 23.14 -4.24
CA HIS G 97 -11.79 24.49 -4.60
C HIS G 97 -13.14 24.54 -5.32
N LEU G 98 -13.87 25.59 -5.16
CA LEU G 98 -15.17 25.74 -5.78
C LEU G 98 -15.10 26.66 -7.00
N VAL G 99 -15.76 26.27 -8.07
CA VAL G 99 -15.79 27.07 -9.31
C VAL G 99 -17.21 27.37 -9.75
N PHE G 100 -17.51 28.65 -9.94
CA PHE G 100 -18.85 29.06 -10.39
C PHE G 100 -18.98 29.04 -11.90
N GLY G 101 -20.18 28.75 -12.38
CA GLY G 101 -20.49 28.83 -13.79
C GLY G 101 -20.72 30.31 -14.08
N GLY G 102 -20.91 30.66 -15.35
CA GLY G 102 -21.09 32.06 -15.74
C GLY G 102 -22.47 32.63 -15.42
N GLY G 103 -23.39 31.77 -15.00
CA GLY G 103 -24.75 32.20 -14.67
C GLY G 103 -25.70 32.15 -15.85
N THR G 104 -26.97 31.86 -15.58
CA THR G 104 -27.98 31.81 -16.63
C THR G 104 -29.07 32.83 -16.34
N LYS G 105 -29.33 33.72 -17.29
CA LYS G 105 -30.42 34.67 -17.10
C LYS G 105 -31.73 34.01 -17.51
N LEU G 106 -32.60 33.79 -16.56
CA LEU G 106 -33.89 33.20 -16.86
C LEU G 106 -34.96 34.28 -17.01
N THR G 107 -35.60 34.31 -18.18
CA THR G 107 -36.69 35.24 -18.40
C THR G 107 -37.99 34.45 -18.35
N VAL G 108 -38.96 34.96 -17.60
CA VAL G 108 -40.27 34.34 -17.53
C VAL G 108 -41.29 35.28 -18.18
N LEU G 109 -41.77 34.89 -19.34
CA LEU G 109 -42.71 35.71 -20.10
C LEU G 109 -43.99 36.03 -19.31
N GLN H 6 21.87 -3.48 -15.03
CA GLN H 6 21.58 -4.76 -15.65
C GLN H 6 22.74 -5.25 -16.48
N GLU H 7 22.95 -6.57 -16.51
CA GLU H 7 23.99 -7.15 -17.34
C GLU H 7 23.64 -6.83 -18.79
N SER H 8 24.64 -6.50 -19.58
CA SER H 8 24.38 -6.16 -20.98
C SER H 8 23.97 -7.38 -21.80
N ALA H 9 24.73 -8.47 -21.66
CA ALA H 9 24.44 -9.69 -22.39
C ALA H 9 24.71 -10.95 -21.57
N LEU H 10 23.88 -11.96 -21.80
CA LEU H 10 24.03 -13.27 -21.15
C LEU H 10 23.58 -14.36 -22.12
N THR H 11 24.27 -15.50 -22.07
CA THR H 11 23.94 -16.62 -22.94
C THR H 11 23.62 -17.86 -22.11
N THR H 12 22.52 -18.53 -22.43
CA THR H 12 22.16 -19.78 -21.77
C THR H 12 21.81 -20.84 -22.80
N SER H 13 21.29 -21.96 -22.35
CA SER H 13 20.92 -23.06 -23.24
C SER H 13 19.56 -23.63 -22.82
N PRO H 14 18.85 -24.25 -23.76
CA PRO H 14 17.54 -24.80 -23.46
C PRO H 14 17.55 -25.72 -22.24
N GLY H 15 16.62 -25.46 -21.31
CA GLY H 15 16.48 -26.28 -20.13
C GLY H 15 17.37 -25.85 -18.96
N GLU H 16 18.37 -25.01 -19.24
CA GLU H 16 19.27 -24.54 -18.20
C GLU H 16 18.62 -23.48 -17.34
N THR H 17 19.32 -23.07 -16.29
CA THR H 17 18.84 -22.02 -15.43
C THR H 17 19.79 -20.86 -15.58
N VAL H 18 19.24 -19.67 -15.67
CA VAL H 18 20.04 -18.47 -15.84
C VAL H 18 19.41 -17.37 -15.03
N THR H 19 20.24 -16.51 -14.46
CA THR H 19 19.73 -15.44 -13.63
C THR H 19 20.18 -14.06 -14.07
N LEU H 20 19.21 -13.15 -14.20
CA LEU H 20 19.50 -11.78 -14.56
C LEU H 20 19.33 -10.95 -13.31
N THR H 21 20.17 -9.91 -13.17
CA THR H 21 20.10 -9.08 -11.96
C THR H 21 19.77 -7.63 -12.23
N CYS H 22 19.28 -6.96 -11.18
CA CYS H 22 18.92 -5.56 -11.21
C CYS H 22 19.17 -4.89 -9.84
N ARG H 23 20.30 -5.18 -9.18
CA ARG H 23 20.63 -4.65 -7.84
C ARG H 23 20.24 -3.17 -7.66
N SER H 24 20.28 -2.74 -6.38
CA SER H 24 19.94 -1.37 -5.98
C SER H 24 21.14 -0.65 -5.36
N SER H 25 21.90 2.09 -8.15
CA SER H 25 22.88 3.40 -7.84
C SER H 25 22.64 3.83 -6.60
N THR H 26 21.47 3.69 -5.86
CA THR H 26 21.27 4.18 -4.44
C THR H 26 21.63 3.30 -3.24
N GLY H 27 21.54 1.98 -3.43
CA GLY H 27 21.84 1.04 -2.37
C GLY H 27 21.16 -0.29 -2.70
N ALA H 28 20.80 -1.05 -1.67
CA ALA H 28 20.17 -2.36 -1.86
C ALA H 28 18.74 -2.22 -2.37
N VAL H 29 18.35 -3.10 -3.28
CA VAL H 29 16.99 -3.10 -3.80
C VAL H 29 16.10 -3.68 -2.75
N THR H 30 15.01 -2.98 -2.44
CA THR H 30 14.10 -3.42 -1.41
C THR H 30 12.73 -3.70 -2.02
N THR H 31 11.81 -4.22 -1.23
CA THR H 31 10.47 -4.47 -1.72
C THR H 31 9.76 -3.15 -2.05
N SER H 32 10.29 -2.07 -1.51
CA SER H 32 9.73 -0.74 -1.74
C SER H 32 10.07 -0.24 -3.16
N ASN H 33 10.92 -0.97 -3.85
CA ASN H 33 11.34 -0.61 -5.21
C ASN H 33 10.43 -1.30 -6.22
N TYR H 34 9.60 -2.21 -5.72
CA TYR H 34 8.62 -2.94 -6.56
C TYR H 34 9.17 -3.36 -7.92
N ALA H 35 10.31 -4.04 -7.92
CA ALA H 35 10.95 -4.46 -9.19
C ALA H 35 10.02 -5.06 -10.25
N ASN H 36 10.15 -4.58 -11.48
CA ASN H 36 9.39 -5.08 -12.59
C ASN H 36 10.33 -5.69 -13.60
N TRP H 37 9.84 -6.69 -14.32
CA TRP H 37 10.59 -7.31 -15.37
C TRP H 37 9.76 -7.35 -16.61
N VAL H 38 10.27 -6.73 -17.68
CA VAL H 38 9.55 -6.66 -18.97
C VAL H 38 10.45 -7.16 -20.15
N GLN H 39 9.87 -8.01 -20.85
CA GLN H 39 10.56 -8.70 -22.02
C GLN H 39 10.26 -8.20 -23.47
N GLU H 40 11.34 -7.88 -24.18
CA GLU H 40 11.18 -7.39 -25.55
C GLU H 40 11.64 -8.42 -26.59
N LYS H 41 10.71 -8.90 -27.40
CA LYS H 41 11.02 -9.85 -28.47
C LYS H 41 11.14 -9.08 -29.78
N PRO H 42 11.92 -9.61 -30.72
CA PRO H 42 12.14 -8.95 -32.01
C PRO H 42 10.85 -8.35 -32.60
N ASP H 43 11.03 -7.37 -33.49
CA ASP H 43 9.90 -6.66 -34.10
C ASP H 43 9.32 -5.66 -33.10
N HIS H 44 10.14 -5.31 -32.10
CA HIS H 44 9.75 -4.36 -31.08
C HIS H 44 8.48 -4.75 -30.33
N LEU H 45 8.43 -5.99 -29.86
CA LEU H 45 7.27 -6.49 -29.13
C LEU H 45 7.58 -6.65 -27.64
N PHE H 46 7.18 -5.66 -26.85
CA PHE H 46 7.39 -5.68 -25.40
C PHE H 46 6.28 -6.43 -24.69
N THR H 47 6.57 -6.93 -23.49
CA THR H 47 5.59 -7.67 -22.71
C THR H 47 5.90 -7.65 -21.21
N GLY H 48 4.84 -7.68 -20.41
CA GLY H 48 5.00 -7.67 -18.95
C GLY H 48 5.17 -9.11 -18.45
N LEU H 49 6.15 -9.29 -17.59
CA LEU H 49 6.46 -10.62 -17.05
C LEU H 49 6.23 -10.65 -15.54
N ILE H 50 7.14 -10.02 -14.80
CA ILE H 50 7.06 -10.02 -13.33
C ILE H 50 6.88 -8.62 -12.74
N GLY H 51 6.14 -8.56 -11.64
CA GLY H 51 5.90 -7.30 -10.94
C GLY H 51 5.80 -7.53 -9.44
N GLY H 52 5.95 -6.46 -8.66
CA GLY H 52 5.91 -6.58 -7.21
C GLY H 52 6.95 -7.57 -6.72
N THR H 53 8.09 -7.58 -7.40
CA THR H 53 9.20 -8.48 -7.06
C THR H 53 9.01 -9.91 -7.53
N ASN H 54 7.99 -10.58 -7.03
CA ASN H 54 7.77 -11.99 -7.37
C ASN H 54 6.42 -12.32 -7.97
N ASN H 55 5.61 -11.29 -8.26
CA ASN H 55 4.29 -11.53 -8.80
C ASN H 55 4.22 -11.78 -10.30
N ARG H 56 4.46 -13.03 -10.67
CA ARG H 56 4.32 -13.42 -12.06
C ARG H 56 2.87 -13.18 -12.40
N ALA H 57 2.64 -12.62 -13.59
CA ALA H 57 1.30 -12.28 -14.03
C ALA H 57 0.67 -13.43 -14.77
N PRO H 58 -0.64 -13.40 -14.83
CA PRO H 58 -1.34 -14.41 -15.57
C PRO H 58 -0.94 -14.29 -17.04
N GLY H 59 -0.81 -15.46 -17.66
CA GLY H 59 -0.32 -15.55 -19.01
C GLY H 59 1.16 -15.85 -18.86
N VAL H 60 1.83 -15.06 -18.02
CA VAL H 60 3.26 -15.23 -17.78
C VAL H 60 3.58 -16.62 -17.22
N PRO H 61 4.18 -17.46 -18.06
CA PRO H 61 4.56 -18.83 -17.69
C PRO H 61 5.26 -18.86 -16.34
N ALA H 62 5.02 -19.93 -15.60
CA ALA H 62 5.57 -20.09 -14.25
C ALA H 62 7.07 -20.38 -14.17
N ARG H 63 7.74 -20.42 -15.31
CA ARG H 63 9.18 -20.69 -15.31
C ARG H 63 9.98 -19.40 -15.05
N PHE H 64 9.26 -18.28 -14.99
CA PHE H 64 9.88 -16.98 -14.72
C PHE H 64 9.69 -16.60 -13.25
N SER H 65 10.79 -16.37 -12.55
CA SER H 65 10.72 -16.00 -11.13
C SER H 65 11.50 -14.73 -10.82
N GLY H 66 10.89 -13.87 -10.01
CA GLY H 66 11.53 -12.63 -9.58
C GLY H 66 11.73 -12.70 -8.07
N SER H 67 12.98 -12.66 -7.63
CA SER H 67 13.29 -12.77 -6.21
C SER H 67 14.37 -11.82 -5.72
N LEU H 68 14.66 -11.92 -4.42
CA LEU H 68 15.68 -11.09 -3.80
C LEU H 68 16.97 -11.87 -3.63
N ILE H 69 17.99 -11.49 -4.38
CA ILE H 69 19.29 -12.15 -4.31
C ILE H 69 20.32 -11.17 -3.77
N GLY H 70 20.67 -11.33 -2.51
CA GLY H 70 21.61 -10.42 -1.87
C GLY H 70 21.01 -9.02 -1.85
N ASN H 71 21.68 -8.08 -2.49
CA ASN H 71 21.21 -6.70 -2.55
C ASN H 71 20.88 -6.27 -3.98
N LYS H 72 20.13 -7.12 -4.69
CA LYS H 72 19.76 -6.83 -6.07
C LYS H 72 18.48 -7.58 -6.45
N ALA H 73 17.67 -6.95 -7.30
CA ALA H 73 16.47 -7.60 -7.81
C ALA H 73 16.96 -8.62 -8.83
N ALA H 74 16.27 -9.74 -8.95
CA ALA H 74 16.72 -10.77 -9.86
C ALA H 74 15.62 -11.47 -10.64
N LEU H 75 15.94 -11.81 -11.88
CA LEU H 75 15.04 -12.57 -12.72
C LEU H 75 15.74 -13.87 -13.06
N THR H 76 15.18 -14.96 -12.61
CA THR H 76 15.75 -16.27 -12.89
C THR H 76 14.80 -17.09 -13.74
N ILE H 77 15.33 -17.67 -14.80
CA ILE H 77 14.54 -18.51 -15.67
C ILE H 77 14.93 -19.96 -15.43
N THR H 78 14.04 -20.68 -14.77
CA THR H 78 14.29 -22.07 -14.44
C THR H 78 13.83 -22.96 -15.58
N GLY H 79 14.77 -23.44 -16.37
CA GLY H 79 14.47 -24.27 -17.53
C GLY H 79 14.20 -23.36 -18.73
N ALA H 80 15.23 -22.62 -19.15
CA ALA H 80 15.10 -21.67 -20.25
C ALA H 80 14.60 -22.33 -21.54
N GLN H 81 13.76 -21.59 -22.27
CA GLN H 81 13.23 -22.08 -23.54
C GLN H 81 13.81 -21.27 -24.69
N THR H 82 13.79 -21.85 -25.88
CA THR H 82 14.29 -21.17 -27.07
C THR H 82 13.59 -19.83 -27.18
N GLU H 83 12.27 -19.87 -27.08
CA GLU H 83 11.46 -18.67 -27.23
C GLU H 83 11.72 -17.64 -26.15
N ASP H 84 12.56 -17.99 -25.18
CA ASP H 84 12.89 -17.05 -24.11
C ASP H 84 13.99 -16.09 -24.52
N GLU H 85 14.58 -16.32 -25.69
CA GLU H 85 15.58 -15.42 -26.22
C GLU H 85 14.91 -14.08 -26.49
N ALA H 86 15.44 -13.05 -25.87
CA ALA H 86 14.85 -11.72 -26.00
C ALA H 86 15.65 -10.73 -25.15
N ILE H 87 15.23 -9.47 -25.18
CA ILE H 87 15.87 -8.46 -24.37
C ILE H 87 15.01 -8.27 -23.14
N TYR H 88 15.63 -8.35 -21.97
CA TYR H 88 14.89 -8.23 -20.72
C TYR H 88 15.16 -6.91 -20.01
N PHE H 89 14.09 -6.18 -19.74
CA PHE H 89 14.15 -4.89 -19.06
C PHE H 89 13.53 -4.99 -17.66
N CYS H 90 14.26 -4.52 -16.65
CA CYS H 90 13.75 -4.55 -15.26
C CYS H 90 13.15 -3.21 -14.86
N GLY H 103 18.31 -3.06 -19.76
CA GLY H 103 17.86 -4.33 -20.34
C GLY H 103 19.02 -5.28 -20.60
N THR H 104 18.74 -6.58 -20.53
CA THR H 104 19.76 -7.59 -20.77
C THR H 104 19.43 -8.45 -21.99
N LYS H 105 20.37 -8.52 -22.93
CA LYS H 105 20.16 -9.32 -24.12
C LYS H 105 20.46 -10.79 -23.82
N LEU H 106 19.40 -11.55 -23.60
CA LEU H 106 19.56 -12.96 -23.28
C LEU H 106 19.51 -13.81 -24.55
N THR H 107 20.61 -14.50 -24.80
CA THR H 107 20.68 -15.42 -25.93
C THR H 107 20.47 -16.83 -25.41
N VAL H 108 19.56 -17.56 -26.06
CA VAL H 108 19.34 -18.97 -25.72
C VAL H 108 19.83 -19.78 -26.89
N LEU H 109 21.08 -20.23 -26.79
CA LEU H 109 21.78 -20.98 -27.85
C LEU H 109 21.36 -22.44 -27.98
N SER I . 18.89 -16.84 1.68
CA SER I . 17.85 -16.33 0.78
C SER I . 18.36 -14.97 0.21
O SER I . 19.32 -14.38 0.73
CB SER I . 16.55 -16.07 1.57
OG SER I . 15.37 -16.74 1.18
OXT SER I . 18.54 -14.39 -0.95
C1 DNF J . 18.98 -18.32 1.76
C2 DNF J . 19.97 -18.89 2.59
N2 DNF J . 20.92 -18.06 3.29
O21 DNF J . 20.96 -16.85 3.24
O22 DNF J . 21.74 -18.63 4.00
C3 DNF J . 20.08 -20.24 2.77
C4 DNF J . 19.19 -21.02 2.11
N4 DNF J . 19.28 -22.49 2.27
O41 DNF J . 20.16 -22.88 2.98
O42 DNF J . 18.46 -23.15 1.68
C5 DNF J . 18.15 -20.58 1.26
C6 DNF J . 18.08 -19.22 1.12
N SER K . -15.18 20.40 1.33
CA SER K . -15.17 18.94 1.42
C SER K . -14.62 18.57 2.83
O SER K . -14.03 19.41 3.52
CB SER K . -14.23 18.36 0.35
OG SER K . -14.76 17.45 -0.59
OXT SER K . -14.96 17.83 3.86
C1 DNF L . -16.24 20.98 0.48
C2 DNF L . -16.32 22.39 0.36
N2 DNF L . -15.44 23.25 1.10
O21 DNF L . -14.57 22.87 1.86
O22 DNF L . -15.57 24.45 0.94
C3 DNF L . -17.24 23.00 -0.45
C4 DNF L . -18.08 22.19 -1.14
N4 DNF L . -19.09 22.82 -2.03
O41 DNF L . -19.09 24.01 -2.05
O42 DNF L . -19.81 22.05 -2.63
C5 DNF L . -18.09 20.77 -1.12
C6 DNF L . -17.16 20.22 -0.30
N1 IMD M . 14.45 -17.36 14.26
C2 IMD M . 15.11 -16.39 13.60
N3 IMD M . 16.42 -16.71 13.55
C4 IMD M . 16.59 -17.87 14.20
C5 IMD M . 15.35 -18.28 14.66
HN1 IMD M . 13.49 -17.38 14.45
H2 IMD M . 14.70 -15.59 13.21
HN3 IMD M . 17.12 -16.17 13.12
H4 IMD M . 17.44 -18.35 14.33
H5 IMD M . 15.15 -19.10 15.17
N1 IMD N . -7.33 25.81 -5.95
C2 IMD N . -7.79 26.56 -6.99
N3 IMD N . -7.50 25.91 -8.15
C4 IMD N . -6.86 24.77 -7.84
C5 IMD N . -6.75 24.71 -6.45
HN1 IMD N . -7.41 26.05 -5.00
H2 IMD N . -8.25 27.42 -6.92
HN3 IMD N . -7.73 26.23 -9.05
H4 IMD N . -6.53 24.10 -8.48
H5 IMD N . -6.31 23.99 -5.94
#